data_6BZJ
#
_entry.id   6BZJ
#
_entity_poly.entity_id   1
_entity_poly.type   'polypeptide(L)'
_entity_poly.pdbx_seq_one_letter_code
;GSAGLQEKERELEDLKDAELKRLNEERHDHDKREAERKALEDKLADKQEHLDGALRY
;
_entity_poly.pdbx_strand_id   A
#
# COMPACT_ATOMS: atom_id res chain seq x y z
N GLY A 1 -41.99 -3.83 0.92
CA GLY A 1 -41.13 -2.64 0.67
C GLY A 1 -41.54 -1.99 -0.66
N SER A 2 -42.41 -0.98 -0.58
CA SER A 2 -42.87 -0.29 -1.77
C SER A 2 -43.34 1.13 -1.43
N ALA A 3 -43.45 1.96 -2.45
CA ALA A 3 -43.90 3.34 -2.25
C ALA A 3 -42.91 4.11 -1.37
N GLY A 4 -41.64 3.72 -1.44
CA GLY A 4 -40.61 4.39 -0.65
C GLY A 4 -40.67 3.97 0.82
N LEU A 5 -41.33 2.84 1.07
CA LEU A 5 -41.45 2.34 2.44
C LEU A 5 -40.08 2.04 3.02
N GLN A 6 -39.23 1.40 2.22
CA GLN A 6 -37.88 1.06 2.67
C GLN A 6 -36.98 2.29 2.62
N GLU A 7 -36.06 2.38 3.58
CA GLU A 7 -35.14 3.52 3.64
C GLU A 7 -34.21 3.52 2.43
N LYS A 8 -34.07 2.37 1.79
CA LYS A 8 -33.20 2.26 0.61
C LYS A 8 -33.86 2.91 -0.60
N GLU A 9 -33.04 3.56 -1.43
CA GLU A 9 -33.55 4.24 -2.63
C GLU A 9 -32.60 4.02 -3.81
N ARG A 10 -32.84 4.73 -4.91
CA ARG A 10 -32.00 4.60 -6.10
C ARG A 10 -30.57 5.03 -5.81
N GLU A 11 -30.42 6.09 -5.01
CA GLU A 11 -29.10 6.60 -4.68
C GLU A 11 -28.23 5.50 -4.07
N LEU A 12 -28.87 4.45 -3.57
CA LEU A 12 -28.13 3.35 -2.96
C LEU A 12 -27.19 2.72 -3.99
N GLU A 13 -27.69 2.51 -5.20
CA GLU A 13 -26.88 1.91 -6.25
C GLU A 13 -25.71 2.83 -6.60
N ASP A 14 -25.97 4.13 -6.63
CA ASP A 14 -24.93 5.11 -6.95
C ASP A 14 -23.80 5.04 -5.92
N LEU A 15 -24.17 4.87 -4.65
CA LEU A 15 -23.18 4.78 -3.59
C LEU A 15 -22.26 3.58 -3.82
N LYS A 16 -22.85 2.45 -4.16
CA LYS A 16 -22.07 1.24 -4.40
C LYS A 16 -21.11 1.44 -5.58
N ASP A 17 -21.59 2.14 -6.61
CA ASP A 17 -20.77 2.40 -7.78
C ASP A 17 -19.53 3.21 -7.41
N ALA A 18 -19.72 4.18 -6.51
CA ALA A 18 -18.61 5.02 -6.08
C ALA A 18 -17.54 4.18 -5.40
N GLU A 19 -17.96 3.21 -4.60
CA GLU A 19 -17.03 2.34 -3.90
C GLU A 19 -16.19 1.54 -4.90
N LEU A 20 -16.83 1.09 -5.96
CA LEU A 20 -16.14 0.31 -6.99
C LEU A 20 -15.03 1.14 -7.62
N LYS A 21 -15.33 2.39 -7.93
CA LYS A 21 -14.35 3.29 -8.53
C LYS A 21 -13.15 3.47 -7.60
N ARG A 22 -13.43 3.67 -6.32
CA ARG A 22 -12.37 3.85 -5.35
C ARG A 22 -11.47 2.63 -5.28
N LEU A 23 -12.08 1.45 -5.28
CA LEU A 23 -11.33 0.20 -5.22
C LEU A 23 -10.46 0.05 -6.47
N ASN A 24 -11.00 0.44 -7.62
CA ASN A 24 -10.25 0.35 -8.88
C ASN A 24 -9.00 1.21 -8.82
N GLU A 25 -9.13 2.40 -8.23
CA GLU A 25 -8.00 3.32 -8.13
C GLU A 25 -6.88 2.71 -7.30
N GLU A 26 -7.24 2.00 -6.24
CA GLU A 26 -6.25 1.37 -5.37
C GLU A 26 -5.27 2.41 -4.84
N ARG A 27 -5.80 3.59 -4.52
CA ARG A 27 -4.97 4.67 -4.00
C ARG A 27 -4.34 4.27 -2.66
N HIS A 28 -5.12 3.65 -1.80
CA HIS A 28 -4.62 3.23 -0.49
C HIS A 28 -3.50 2.20 -0.61
N ASP A 29 -3.52 1.42 -1.68
CA ASP A 29 -2.48 0.41 -1.89
C ASP A 29 -1.11 1.07 -2.02
N HIS A 30 -1.07 2.20 -2.72
CA HIS A 30 0.17 2.91 -2.92
C HIS A 30 0.73 3.42 -1.59
N ASP A 31 -0.17 3.88 -0.73
CA ASP A 31 0.25 4.38 0.58
C ASP A 31 0.93 3.29 1.39
N LYS A 32 0.36 2.09 1.36
CA LYS A 32 0.93 0.97 2.10
C LYS A 32 2.31 0.62 1.56
N ARG A 33 2.44 0.68 0.23
CA ARG A 33 3.73 0.36 -0.40
C ARG A 33 4.80 1.33 0.08
N GLU A 34 4.46 2.61 0.14
CA GLU A 34 5.41 3.63 0.57
C GLU A 34 5.84 3.36 2.01
N ALA A 35 4.89 2.99 2.86
CA ALA A 35 5.18 2.71 4.26
C ALA A 35 6.15 1.54 4.37
N GLU A 36 5.96 0.52 3.53
CA GLU A 36 6.83 -0.64 3.54
C GLU A 36 8.26 -0.25 3.20
N ARG A 37 8.40 0.63 2.21
CA ARG A 37 9.73 1.09 1.80
C ARG A 37 10.41 1.83 2.94
N LYS A 38 9.63 2.63 3.67
CA LYS A 38 10.18 3.40 4.78
C LYS A 38 10.74 2.45 5.84
N ALA A 39 10.00 1.38 6.13
CA ALA A 39 10.45 0.40 7.12
C ALA A 39 11.77 -0.22 6.70
N LEU A 40 11.89 -0.52 5.41
CA LEU A 40 13.11 -1.13 4.89
C LEU A 40 14.30 -0.20 5.12
N GLU A 41 14.12 1.08 4.84
CA GLU A 41 15.19 2.06 5.02
C GLU A 41 15.58 2.15 6.50
N ASP A 42 14.58 2.10 7.38
CA ASP A 42 14.84 2.18 8.81
C ASP A 42 15.65 3.42 9.15
N LYS A 43 15.34 4.54 8.48
CA LYS A 43 16.05 5.78 8.72
C LYS A 43 15.88 6.22 10.17
N LEU A 44 14.65 6.12 10.67
CA LEU A 44 14.37 6.52 12.05
C LEU A 44 15.15 5.64 13.03
N ALA A 45 15.24 4.35 12.72
CA ALA A 45 15.97 3.42 13.58
C ALA A 45 15.42 3.48 15.00
N ASP A 46 14.13 3.78 15.13
CA ASP A 46 13.50 3.86 16.45
C ASP A 46 13.00 2.49 16.89
N LYS A 47 13.29 1.48 16.08
CA LYS A 47 12.86 0.11 16.40
C LYS A 47 13.51 -0.35 17.70
N GLN A 48 14.78 -0.01 17.88
CA GLN A 48 15.51 -0.39 19.09
C GLN A 48 14.97 0.37 20.30
N GLU A 49 14.69 -0.35 21.38
CA GLU A 49 14.18 0.27 22.61
C GLU A 49 14.81 -0.38 23.83
N HIS A 50 15.26 0.44 24.77
CA HIS A 50 15.89 -0.05 25.99
C HIS A 50 15.79 0.98 27.11
N LEU A 51 15.96 0.52 28.35
CA LEU A 51 15.88 1.39 29.52
C LEU A 51 14.75 2.41 29.35
N ASP A 52 15.02 3.66 29.73
CA ASP A 52 14.02 4.72 29.61
C ASP A 52 14.69 6.07 29.41
N GLY A 53 15.83 6.07 28.72
CA GLY A 53 16.56 7.31 28.46
C GLY A 53 17.43 7.68 29.66
N ALA A 54 17.42 6.82 30.67
CA ALA A 54 18.21 7.08 31.88
C ALA A 54 19.69 7.14 31.54
N LEU A 55 20.13 6.25 30.65
CA LEU A 55 21.53 6.22 30.25
C LEU A 55 21.93 7.53 29.60
N ARG A 56 21.07 8.05 28.72
CA ARG A 56 21.35 9.31 28.04
C ARG A 56 21.23 10.48 29.01
N TYR A 57 22.10 11.48 28.83
CA TYR A 57 22.08 12.65 29.69
C TYR A 57 20.75 13.39 29.58
N GLY A 1 9.49 -25.61 -15.07
CA GLY A 1 9.28 -24.24 -15.61
C GLY A 1 10.46 -23.36 -15.24
N SER A 2 11.42 -23.24 -16.16
CA SER A 2 12.59 -22.42 -15.91
C SER A 2 12.22 -20.96 -15.76
N ALA A 3 12.85 -20.29 -14.80
CA ALA A 3 12.58 -18.88 -14.55
C ALA A 3 11.08 -18.64 -14.43
N GLY A 4 10.32 -19.70 -14.19
CA GLY A 4 8.87 -19.58 -14.04
C GLY A 4 8.21 -19.25 -15.38
N LEU A 5 8.87 -19.60 -16.47
CA LEU A 5 8.32 -19.33 -17.80
C LEU A 5 7.02 -20.12 -18.01
N GLN A 6 7.00 -21.36 -17.52
CA GLN A 6 5.82 -22.19 -17.66
C GLN A 6 4.64 -21.57 -16.92
N GLU A 7 4.91 -21.02 -15.75
CA GLU A 7 3.87 -20.39 -14.95
C GLU A 7 3.26 -19.21 -15.71
N LYS A 8 4.11 -18.45 -16.38
CA LYS A 8 3.64 -17.30 -17.15
C LYS A 8 2.66 -17.74 -18.23
N GLU A 9 2.96 -18.88 -18.85
CA GLU A 9 2.11 -19.42 -19.91
C GLU A 9 0.71 -19.73 -19.37
N ARG A 10 0.63 -20.22 -18.14
CA ARG A 10 -0.65 -20.56 -17.55
C ARG A 10 -1.58 -19.35 -17.51
N GLU A 11 -2.85 -19.59 -17.83
CA GLU A 11 -3.85 -18.52 -17.83
C GLU A 11 -4.08 -17.97 -16.43
N LEU A 12 -4.02 -18.85 -15.43
CA LEU A 12 -4.25 -18.44 -14.05
C LEU A 12 -3.22 -17.40 -13.61
N GLU A 13 -1.97 -17.57 -14.04
CA GLU A 13 -0.93 -16.63 -13.67
C GLU A 13 -1.26 -15.24 -14.21
N ASP A 14 -1.75 -15.18 -15.45
CA ASP A 14 -2.11 -13.91 -16.07
C ASP A 14 -3.21 -13.21 -15.27
N LEU A 15 -4.18 -14.00 -14.81
CA LEU A 15 -5.28 -13.44 -14.04
C LEU A 15 -4.77 -12.83 -12.74
N LYS A 16 -3.80 -13.50 -12.12
CA LYS A 16 -3.23 -13.03 -10.87
C LYS A 16 -2.58 -11.66 -11.07
N ASP A 17 -1.86 -11.51 -12.16
CA ASP A 17 -1.19 -10.25 -12.46
C ASP A 17 -2.21 -9.12 -12.61
N ALA A 18 -3.34 -9.44 -13.25
CA ALA A 18 -4.38 -8.45 -13.46
C ALA A 18 -4.92 -7.94 -12.12
N GLU A 19 -5.07 -8.85 -11.18
CA GLU A 19 -5.58 -8.48 -9.86
C GLU A 19 -4.63 -7.51 -9.17
N LEU A 20 -3.33 -7.74 -9.31
CA LEU A 20 -2.34 -6.87 -8.71
C LEU A 20 -2.43 -5.46 -9.27
N LYS A 21 -2.67 -5.37 -10.57
CA LYS A 21 -2.79 -4.08 -11.24
C LYS A 21 -3.94 -3.26 -10.63
N ARG A 22 -5.07 -3.93 -10.39
CA ARG A 22 -6.22 -3.26 -9.82
C ARG A 22 -5.89 -2.70 -8.45
N LEU A 23 -5.19 -3.50 -7.64
CA LEU A 23 -4.80 -3.07 -6.30
C LEU A 23 -3.82 -1.90 -6.39
N ASN A 24 -2.93 -1.97 -7.37
CA ASN A 24 -1.93 -0.92 -7.56
C ASN A 24 -2.60 0.43 -7.83
N GLU A 25 -3.67 0.40 -8.61
CA GLU A 25 -4.40 1.62 -8.94
C GLU A 25 -4.96 2.27 -7.68
N GLU A 26 -5.44 1.44 -6.75
CA GLU A 26 -6.01 1.96 -5.51
C GLU A 26 -5.02 2.87 -4.79
N ARG A 27 -5.49 4.02 -4.36
CA ARG A 27 -4.64 5.00 -3.67
C ARG A 27 -4.12 4.43 -2.35
N HIS A 28 -4.96 3.68 -1.65
CA HIS A 28 -4.58 3.10 -0.37
C HIS A 28 -3.41 2.13 -0.56
N ASP A 29 -3.45 1.37 -1.64
CA ASP A 29 -2.38 0.41 -1.91
C ASP A 29 -1.04 1.12 -2.06
N HIS A 30 -1.04 2.24 -2.77
CA HIS A 30 0.18 3.01 -2.98
C HIS A 30 0.76 3.47 -1.65
N ASP A 31 -0.10 4.01 -0.78
CA ASP A 31 0.35 4.49 0.52
C ASP A 31 0.94 3.35 1.34
N LYS A 32 0.28 2.19 1.30
CA LYS A 32 0.75 1.03 2.04
C LYS A 32 2.14 0.62 1.57
N ARG A 33 2.34 0.60 0.25
CA ARG A 33 3.62 0.24 -0.32
C ARG A 33 4.70 1.24 0.10
N GLU A 34 4.34 2.51 0.12
CA GLU A 34 5.27 3.57 0.51
C GLU A 34 5.75 3.35 1.94
N ALA A 35 4.81 3.00 2.82
CA ALA A 35 5.14 2.77 4.22
C ALA A 35 6.12 1.62 4.36
N GLU A 36 5.93 0.59 3.55
CA GLU A 36 6.81 -0.59 3.58
C GLU A 36 8.24 -0.18 3.23
N ARG A 37 8.39 0.70 2.25
CA ARG A 37 9.71 1.15 1.83
C ARG A 37 10.43 1.85 2.98
N LYS A 38 9.68 2.65 3.74
CA LYS A 38 10.27 3.38 4.86
C LYS A 38 10.81 2.40 5.90
N ALA A 39 10.08 1.32 6.14
CA ALA A 39 10.50 0.32 7.11
C ALA A 39 11.83 -0.29 6.70
N LEU A 40 11.98 -0.54 5.41
CA LEU A 40 13.20 -1.13 4.89
C LEU A 40 14.40 -0.22 5.17
N GLU A 41 14.22 1.07 4.94
CA GLU A 41 15.28 2.04 5.17
C GLU A 41 15.50 2.25 6.68
N ASP A 42 16.63 2.85 7.07
CA ASP A 42 16.90 3.08 8.49
C ASP A 42 16.80 1.78 9.28
N LYS A 43 17.17 0.68 8.65
CA LYS A 43 17.12 -0.63 9.31
C LYS A 43 18.04 -0.64 10.53
N LEU A 44 19.25 -0.11 10.35
CA LEU A 44 20.22 -0.06 11.43
C LEU A 44 19.70 0.78 12.60
N ALA A 45 19.11 1.93 12.27
CA ALA A 45 18.57 2.82 13.31
C ALA A 45 17.49 2.13 14.13
N ASP A 46 16.64 1.36 13.45
CA ASP A 46 15.56 0.64 14.15
C ASP A 46 16.01 -0.78 14.49
N LYS A 47 15.79 -1.17 15.74
CA LYS A 47 16.18 -2.52 16.18
C LYS A 47 15.62 -2.81 17.57
N GLN A 48 14.73 -1.93 18.05
CA GLN A 48 14.13 -2.11 19.37
C GLN A 48 12.75 -2.74 19.26
N GLU A 49 12.58 -3.89 19.91
CA GLU A 49 11.29 -4.59 19.90
C GLU A 49 10.80 -4.78 18.47
N HIS A 50 11.72 -5.05 17.54
CA HIS A 50 11.37 -5.26 16.14
C HIS A 50 11.37 -6.75 15.81
N LEU A 51 10.20 -7.36 15.80
CA LEU A 51 10.10 -8.78 15.48
C LEU A 51 10.53 -9.04 14.05
N ASP A 52 10.12 -8.15 13.15
CA ASP A 52 10.47 -8.27 11.73
C ASP A 52 10.47 -6.90 11.06
N GLY A 53 10.40 -5.85 11.87
CA GLY A 53 10.38 -4.49 11.35
C GLY A 53 8.98 -4.09 10.89
N ALA A 54 8.03 -5.01 11.09
CA ALA A 54 6.66 -4.76 10.70
C ALA A 54 6.08 -3.57 11.47
N LEU A 55 6.42 -3.49 12.75
CA LEU A 55 5.92 -2.40 13.59
C LEU A 55 6.41 -1.05 13.06
N ARG A 56 7.66 -1.01 12.62
CA ARG A 56 8.23 0.22 12.09
C ARG A 56 7.46 0.67 10.85
N TYR A 57 7.09 1.95 10.82
CA TYR A 57 6.35 2.50 9.69
C TYR A 57 7.29 2.80 8.53
N GLY A 1 -26.73 6.68 -37.65
CA GLY A 1 -25.80 7.51 -36.84
C GLY A 1 -25.86 7.07 -35.38
N SER A 2 -27.05 6.77 -34.91
CA SER A 2 -27.23 6.33 -33.52
C SER A 2 -26.48 5.03 -33.27
N ALA A 3 -26.54 4.13 -34.25
CA ALA A 3 -25.85 2.84 -34.14
C ALA A 3 -24.35 3.04 -33.98
N GLY A 4 -23.82 3.99 -34.73
CA GLY A 4 -22.38 4.27 -34.67
C GLY A 4 -21.57 3.04 -35.03
N LEU A 5 -20.57 2.72 -34.20
CA LEU A 5 -19.71 1.55 -34.44
C LEU A 5 -20.00 0.47 -33.40
N GLN A 6 -20.02 -0.78 -33.86
CA GLN A 6 -20.28 -1.90 -32.96
C GLN A 6 -19.95 -3.22 -33.65
N GLU A 7 -19.28 -3.13 -34.80
CA GLU A 7 -18.90 -4.33 -35.54
C GLU A 7 -17.94 -5.19 -34.72
N LYS A 8 -17.01 -4.54 -34.03
CA LYS A 8 -16.04 -5.27 -33.21
C LYS A 8 -16.69 -5.76 -31.91
N GLU A 9 -16.35 -6.98 -31.51
CA GLU A 9 -16.90 -7.57 -30.28
C GLU A 9 -15.77 -8.02 -29.36
N ARG A 10 -14.78 -8.71 -29.94
CA ARG A 10 -13.66 -9.21 -29.16
C ARG A 10 -12.90 -8.06 -28.52
N GLU A 11 -12.66 -7.00 -29.30
CA GLU A 11 -11.93 -5.85 -28.79
C GLU A 11 -12.69 -5.20 -27.64
N LEU A 12 -14.02 -5.13 -27.76
CA LEU A 12 -14.84 -4.53 -26.73
C LEU A 12 -14.72 -5.33 -25.43
N GLU A 13 -14.68 -6.65 -25.55
CA GLU A 13 -14.55 -7.52 -24.38
C GLU A 13 -13.22 -7.28 -23.68
N ASP A 14 -12.17 -7.08 -24.46
CA ASP A 14 -10.84 -6.84 -23.91
C ASP A 14 -10.84 -5.57 -23.06
N LEU A 15 -11.47 -4.52 -23.58
CA LEU A 15 -11.53 -3.25 -22.86
C LEU A 15 -12.29 -3.42 -21.54
N LYS A 16 -13.35 -4.21 -21.57
CA LYS A 16 -14.15 -4.45 -20.37
C LYS A 16 -13.31 -5.10 -19.29
N ASP A 17 -12.51 -6.08 -19.69
CA ASP A 17 -11.65 -6.78 -18.73
C ASP A 17 -10.65 -5.82 -18.09
N ALA A 18 -10.07 -4.94 -18.91
CA ALA A 18 -9.11 -3.98 -18.41
C ALA A 18 -9.74 -3.06 -17.39
N GLU A 19 -10.99 -2.65 -17.65
CA GLU A 19 -11.70 -1.77 -16.74
C GLU A 19 -11.90 -2.44 -15.38
N LEU A 20 -12.20 -3.74 -15.41
CA LEU A 20 -12.42 -4.48 -14.18
C LEU A 20 -11.15 -4.48 -13.33
N LYS A 21 -10.01 -4.70 -13.97
CA LYS A 21 -8.73 -4.71 -13.26
C LYS A 21 -8.47 -3.35 -12.61
N ARG A 22 -8.76 -2.29 -13.35
CA ARG A 22 -8.55 -0.94 -12.85
C ARG A 22 -9.40 -0.70 -11.61
N LEU A 23 -10.66 -1.14 -11.67
CA LEU A 23 -11.57 -0.97 -10.53
C LEU A 23 -11.07 -1.73 -9.32
N ASN A 24 -10.53 -2.93 -9.56
CA ASN A 24 -10.02 -3.75 -8.48
C ASN A 24 -8.88 -3.03 -7.75
N GLU A 25 -8.00 -2.40 -8.52
CA GLU A 25 -6.87 -1.68 -7.94
C GLU A 25 -7.36 -0.41 -7.25
N GLU A 26 -6.72 -0.07 -6.12
CA GLU A 26 -7.08 1.12 -5.36
C GLU A 26 -5.84 1.95 -5.04
N ARG A 27 -6.01 3.27 -4.98
CA ARG A 27 -4.90 4.16 -4.68
C ARG A 27 -4.50 4.05 -3.21
N HIS A 28 -5.39 3.46 -2.40
CA HIS A 28 -5.13 3.30 -0.97
C HIS A 28 -3.92 2.41 -0.74
N ASP A 29 -3.79 1.36 -1.56
CA ASP A 29 -2.67 0.43 -1.41
C ASP A 29 -1.35 1.12 -1.74
N HIS A 30 -1.43 2.24 -2.45
CA HIS A 30 -0.23 2.98 -2.82
C HIS A 30 0.52 3.45 -1.57
N ASP A 31 -0.23 3.96 -0.60
CA ASP A 31 0.37 4.43 0.64
C ASP A 31 1.07 3.29 1.37
N LYS A 32 0.46 2.11 1.32
CA LYS A 32 1.04 0.94 1.98
C LYS A 32 2.40 0.63 1.39
N ARG A 33 2.52 0.74 0.08
CA ARG A 33 3.79 0.47 -0.60
C ARG A 33 4.87 1.41 -0.08
N GLU A 34 4.52 2.68 0.08
CA GLU A 34 5.49 3.66 0.57
C GLU A 34 5.93 3.31 1.99
N ALA A 35 4.99 2.86 2.81
CA ALA A 35 5.27 2.49 4.19
C ALA A 35 6.28 1.35 4.25
N GLU A 36 6.14 0.38 3.35
CA GLU A 36 7.03 -0.76 3.32
C GLU A 36 8.48 -0.32 3.09
N ARG A 37 8.68 0.57 2.13
CA ARG A 37 10.01 1.06 1.82
C ARG A 37 10.61 1.82 3.00
N LYS A 38 9.77 2.60 3.67
CA LYS A 38 10.23 3.39 4.82
C LYS A 38 10.71 2.45 5.94
N ALA A 39 9.99 1.35 6.13
CA ALA A 39 10.35 0.40 7.17
C ALA A 39 11.73 -0.19 6.91
N LEU A 40 12.01 -0.48 5.64
CA LEU A 40 13.29 -1.04 5.26
C LEU A 40 14.42 -0.06 5.56
N GLU A 41 14.15 1.22 5.31
CA GLU A 41 15.16 2.26 5.55
C GLU A 41 15.29 2.53 7.05
N ASP A 42 16.34 3.26 7.46
CA ASP A 42 16.54 3.57 8.88
C ASP A 42 16.69 2.28 9.69
N LYS A 43 16.99 1.18 9.00
CA LYS A 43 17.18 -0.10 9.67
C LYS A 43 18.37 -0.05 10.62
N LEU A 44 19.47 0.54 10.14
CA LEU A 44 20.69 0.64 10.93
C LEU A 44 20.47 1.48 12.19
N ALA A 45 19.71 2.56 12.04
CA ALA A 45 19.45 3.45 13.17
C ALA A 45 18.73 2.71 14.30
N ASP A 46 17.78 1.85 13.92
CA ASP A 46 17.04 1.08 14.92
C ASP A 46 16.44 -0.17 14.30
N LYS A 47 16.00 -1.10 15.14
CA LYS A 47 15.40 -2.34 14.66
C LYS A 47 13.95 -2.12 14.26
N GLN A 48 13.50 -2.82 13.23
CA GLN A 48 12.13 -2.69 12.75
C GLN A 48 11.17 -3.34 13.73
N GLU A 49 10.11 -2.63 14.09
CA GLU A 49 9.13 -3.15 15.03
C GLU A 49 8.31 -4.27 14.39
N HIS A 50 7.99 -5.29 15.18
CA HIS A 50 7.21 -6.42 14.68
C HIS A 50 5.78 -5.99 14.38
N LEU A 51 5.38 -4.84 14.91
CA LEU A 51 4.03 -4.34 14.69
C LEU A 51 3.81 -4.05 13.21
N ASP A 52 4.82 -3.50 12.55
CA ASP A 52 4.73 -3.18 11.13
C ASP A 52 4.49 -4.45 10.32
N GLY A 53 5.16 -5.53 10.70
CA GLY A 53 5.02 -6.80 10.00
C GLY A 53 3.57 -7.30 10.06
N ALA A 54 2.95 -7.13 11.22
CA ALA A 54 1.58 -7.58 11.40
C ALA A 54 0.65 -6.84 10.44
N LEU A 55 0.89 -5.55 10.26
CA LEU A 55 0.07 -4.75 9.37
C LEU A 55 0.18 -5.25 7.94
N ARG A 56 1.40 -5.64 7.54
CA ARG A 56 1.63 -6.15 6.20
C ARG A 56 1.00 -7.52 6.03
N TYR A 57 0.48 -7.79 4.83
CA TYR A 57 -0.15 -9.07 4.55
C TYR A 57 0.79 -10.22 4.89
N GLY A 1 -27.38 12.68 23.91
CA GLY A 1 -26.05 13.08 24.46
C GLY A 1 -25.15 13.55 23.32
N SER A 2 -24.18 12.71 22.95
CA SER A 2 -23.24 13.03 21.88
C SER A 2 -23.19 11.89 20.87
N ALA A 3 -22.85 12.22 19.64
CA ALA A 3 -22.76 11.22 18.58
C ALA A 3 -21.75 10.16 18.95
N GLY A 4 -20.64 10.59 19.56
CA GLY A 4 -19.59 9.66 19.97
C GLY A 4 -18.47 10.41 20.69
N LEU A 5 -17.43 9.66 21.08
CA LEU A 5 -16.29 10.24 21.79
C LEU A 5 -15.12 10.42 20.82
N GLN A 6 -14.64 11.66 20.70
CA GLN A 6 -13.52 11.96 19.82
C GLN A 6 -12.23 11.35 20.37
N GLU A 7 -11.49 10.67 19.49
CA GLU A 7 -10.24 10.04 19.90
C GLU A 7 -10.43 9.25 21.19
N LYS A 8 -11.02 8.07 21.07
CA LYS A 8 -11.26 7.22 22.23
C LYS A 8 -9.93 6.80 22.87
N GLU A 9 -9.91 6.73 24.19
CA GLU A 9 -8.69 6.35 24.92
C GLU A 9 -8.22 4.95 24.53
N ARG A 10 -9.16 4.03 24.32
CA ARG A 10 -8.80 2.67 23.95
C ARG A 10 -7.89 2.67 22.73
N GLU A 11 -6.75 1.98 22.86
CA GLU A 11 -5.78 1.90 21.76
C GLU A 11 -6.36 1.17 20.56
N LEU A 12 -7.11 0.10 20.81
CA LEU A 12 -7.69 -0.69 19.73
C LEU A 12 -8.63 0.15 18.88
N GLU A 13 -9.40 1.01 19.53
CA GLU A 13 -10.34 1.87 18.82
C GLU A 13 -9.60 2.80 17.85
N ASP A 14 -8.46 3.31 18.30
CA ASP A 14 -7.66 4.21 17.47
C ASP A 14 -7.23 3.51 16.18
N LEU A 15 -6.83 2.25 16.30
CA LEU A 15 -6.40 1.49 15.13
C LEU A 15 -7.56 1.33 14.15
N LYS A 16 -8.76 1.12 14.68
CA LYS A 16 -9.93 0.95 13.84
C LYS A 16 -10.16 2.21 13.00
N ASP A 17 -10.03 3.37 13.63
CA ASP A 17 -10.22 4.63 12.93
C ASP A 17 -9.22 4.78 11.79
N ALA A 18 -7.98 4.35 12.05
CA ALA A 18 -6.94 4.43 11.03
C ALA A 18 -7.31 3.61 9.80
N GLU A 19 -7.89 2.44 10.04
CA GLU A 19 -8.30 1.56 8.95
C GLU A 19 -9.34 2.24 8.08
N LEU A 20 -10.29 2.91 8.72
CA LEU A 20 -11.35 3.60 7.99
C LEU A 20 -10.76 4.71 7.12
N LYS A 21 -9.77 5.40 7.65
CA LYS A 21 -9.12 6.48 6.92
C LYS A 21 -8.49 5.95 5.63
N ARG A 22 -7.84 4.80 5.74
CA ARG A 22 -7.19 4.19 4.57
C ARG A 22 -8.22 3.86 3.50
N LEU A 23 -9.38 3.35 3.93
CA LEU A 23 -10.44 3.00 3.00
C LEU A 23 -11.06 4.26 2.38
N ASN A 24 -11.20 5.30 3.20
CA ASN A 24 -11.79 6.56 2.74
C ASN A 24 -10.97 7.17 1.60
N GLU A 25 -9.65 7.14 1.73
CA GLU A 25 -8.79 7.70 0.70
C GLU A 25 -8.63 6.74 -0.47
N GLU A 26 -8.53 7.29 -1.67
CA GLU A 26 -8.37 6.47 -2.88
C GLU A 26 -6.91 6.08 -3.08
N ARG A 27 -6.70 4.99 -3.80
CA ARG A 27 -5.34 4.51 -4.09
C ARG A 27 -4.56 4.29 -2.79
N HIS A 28 -5.23 3.76 -1.77
CA HIS A 28 -4.59 3.51 -0.49
C HIS A 28 -3.52 2.43 -0.64
N ASP A 29 -3.60 1.66 -1.72
CA ASP A 29 -2.63 0.60 -1.96
C ASP A 29 -1.22 1.17 -2.09
N HIS A 30 -1.12 2.32 -2.76
CA HIS A 30 0.17 2.95 -2.95
C HIS A 30 0.77 3.37 -1.61
N ASP A 31 -0.08 3.86 -0.71
CA ASP A 31 0.38 4.29 0.61
C ASP A 31 0.97 3.11 1.39
N LYS A 32 0.33 1.95 1.27
CA LYS A 32 0.79 0.76 1.96
C LYS A 32 2.21 0.40 1.52
N ARG A 33 2.44 0.41 0.21
CA ARG A 33 3.77 0.09 -0.32
C ARG A 33 4.79 1.12 0.12
N GLU A 34 4.38 2.39 0.15
CA GLU A 34 5.28 3.46 0.57
C GLU A 34 5.72 3.25 2.00
N ALA A 35 4.78 2.86 2.86
CA ALA A 35 5.09 2.62 4.27
C ALA A 35 6.12 1.50 4.42
N GLU A 36 5.97 0.46 3.59
CA GLU A 36 6.89 -0.66 3.64
C GLU A 36 8.30 -0.22 3.27
N ARG A 37 8.40 0.66 2.28
CA ARG A 37 9.69 1.16 1.84
C ARG A 37 10.38 1.92 2.97
N LYS A 38 9.60 2.69 3.72
CA LYS A 38 10.16 3.46 4.82
C LYS A 38 10.79 2.54 5.86
N ALA A 39 10.10 1.44 6.17
CA ALA A 39 10.60 0.49 7.14
C ALA A 39 11.93 -0.12 6.68
N LEU A 40 12.02 -0.42 5.39
CA LEU A 40 13.24 -0.98 4.84
C LEU A 40 14.40 -0.01 4.98
N GLU A 41 14.11 1.27 4.76
CA GLU A 41 15.14 2.31 4.87
C GLU A 41 15.68 2.38 6.29
N ASP A 42 14.79 2.24 7.26
CA ASP A 42 15.19 2.30 8.67
C ASP A 42 16.18 1.18 8.99
N LYS A 43 15.88 -0.02 8.49
CA LYS A 43 16.76 -1.16 8.74
C LYS A 43 18.13 -0.94 8.12
N LEU A 44 18.15 -0.35 6.93
CA LEU A 44 19.40 -0.08 6.23
C LEU A 44 20.25 0.91 7.03
N ALA A 45 19.59 1.90 7.60
CA ALA A 45 20.29 2.92 8.39
C ALA A 45 21.00 2.27 9.59
N ASP A 46 20.33 1.31 10.22
CA ASP A 46 20.91 0.63 11.36
C ASP A 46 22.17 -0.13 10.96
N LYS A 47 23.15 -0.13 11.86
CA LYS A 47 24.41 -0.81 11.58
C LYS A 47 24.19 -2.31 11.40
N GLN A 48 23.29 -2.87 12.21
CA GLN A 48 22.98 -4.30 12.13
C GLN A 48 21.47 -4.51 12.13
N GLU A 49 21.03 -5.57 11.45
CA GLU A 49 19.59 -5.87 11.38
C GLU A 49 19.09 -6.38 12.73
N HIS A 50 17.86 -6.01 13.07
CA HIS A 50 17.27 -6.44 14.33
C HIS A 50 15.75 -6.57 14.20
N LEU A 51 15.21 -7.68 14.69
CA LEU A 51 13.76 -7.92 14.63
C LEU A 51 13.10 -7.55 15.96
N ASP A 52 11.84 -7.95 16.14
CA ASP A 52 11.12 -7.66 17.38
C ASP A 52 11.42 -8.73 18.43
N GLY A 53 12.29 -9.68 18.08
CA GLY A 53 12.64 -10.75 19.00
C GLY A 53 13.68 -11.66 18.38
N ALA A 54 14.09 -12.70 19.12
CA ALA A 54 15.09 -13.65 18.62
C ALA A 54 14.89 -15.02 19.25
N LEU A 55 15.31 -16.06 18.54
CA LEU A 55 15.18 -17.42 19.04
C LEU A 55 16.00 -17.61 20.32
N ARG A 56 17.18 -17.01 20.34
CA ARG A 56 18.06 -17.11 21.51
C ARG A 56 17.49 -16.30 22.67
N TYR A 57 17.67 -16.82 23.88
CA TYR A 57 17.17 -16.14 25.07
C TYR A 57 18.09 -14.97 25.45
N GLY A 1 -40.30 11.06 4.21
CA GLY A 1 -41.37 10.43 3.40
C GLY A 1 -40.82 10.05 2.03
N SER A 2 -40.78 8.76 1.75
CA SER A 2 -40.26 8.27 0.47
C SER A 2 -41.12 8.80 -0.68
N ALA A 3 -42.43 8.82 -0.48
CA ALA A 3 -43.34 9.29 -1.50
C ALA A 3 -43.06 10.76 -1.83
N GLY A 4 -42.77 11.54 -0.80
CA GLY A 4 -42.49 12.96 -0.98
C GLY A 4 -41.26 13.15 -1.87
N LEU A 5 -40.25 12.31 -1.67
CA LEU A 5 -39.01 12.40 -2.45
C LEU A 5 -39.02 11.35 -3.56
N GLN A 6 -38.93 11.81 -4.81
CA GLN A 6 -38.93 10.91 -5.96
C GLN A 6 -37.52 10.48 -6.32
N GLU A 7 -36.54 10.99 -5.57
CA GLU A 7 -35.14 10.66 -5.82
C GLU A 7 -34.79 10.87 -7.30
N LYS A 8 -35.30 11.96 -7.87
CA LYS A 8 -35.04 12.27 -9.26
C LYS A 8 -33.55 12.45 -9.50
N GLU A 9 -32.89 13.15 -8.59
CA GLU A 9 -31.46 13.41 -8.71
C GLU A 9 -30.68 12.09 -8.70
N ARG A 10 -31.11 11.16 -7.87
CA ARG A 10 -30.45 9.87 -7.76
C ARG A 10 -28.96 10.06 -7.42
N GLU A 11 -28.68 10.99 -6.52
CA GLU A 11 -27.30 11.25 -6.13
C GLU A 11 -26.66 10.00 -5.53
N LEU A 12 -27.50 9.08 -5.07
CA LEU A 12 -27.00 7.85 -4.47
C LEU A 12 -26.20 7.05 -5.51
N GLU A 13 -26.73 6.96 -6.72
CA GLU A 13 -26.06 6.24 -7.79
C GLU A 13 -24.70 6.87 -8.08
N ASP A 14 -24.66 8.20 -8.10
CA ASP A 14 -23.42 8.92 -8.37
C ASP A 14 -22.38 8.59 -7.30
N LEU A 15 -22.82 8.58 -6.05
CA LEU A 15 -21.92 8.29 -4.93
C LEU A 15 -21.34 6.88 -5.08
N LYS A 16 -22.20 5.92 -5.42
CA LYS A 16 -21.77 4.54 -5.60
C LYS A 16 -20.74 4.44 -6.72
N ASP A 17 -20.99 5.14 -7.82
CA ASP A 17 -20.08 5.12 -8.95
C ASP A 17 -18.71 5.68 -8.55
N ALA A 18 -18.72 6.77 -7.79
CA ALA A 18 -17.48 7.39 -7.34
C ALA A 18 -16.68 6.42 -6.48
N GLU A 19 -17.39 5.67 -5.62
CA GLU A 19 -16.74 4.70 -4.75
C GLU A 19 -16.03 3.64 -5.57
N LEU A 20 -16.68 3.18 -6.64
CA LEU A 20 -16.11 2.17 -7.51
C LEU A 20 -14.81 2.67 -8.13
N LYS A 21 -14.82 3.91 -8.59
CA LYS A 21 -13.63 4.49 -9.21
C LYS A 21 -12.48 4.56 -8.20
N ARG A 22 -12.80 4.89 -6.96
CA ARG A 22 -11.78 4.98 -5.92
C ARG A 22 -11.14 3.61 -5.68
N LEU A 23 -11.96 2.57 -5.70
CA LEU A 23 -11.46 1.22 -5.50
C LEU A 23 -10.45 0.85 -6.57
N ASN A 24 -10.77 1.17 -7.82
CA ASN A 24 -9.88 0.88 -8.93
C ASN A 24 -8.54 1.59 -8.77
N GLU A 25 -8.59 2.83 -8.31
CA GLU A 25 -7.38 3.62 -8.11
C GLU A 25 -6.48 2.95 -7.08
N GLU A 26 -7.10 2.41 -6.03
CA GLU A 26 -6.34 1.74 -4.97
C GLU A 26 -5.33 2.70 -4.34
N ARG A 27 -5.83 3.85 -3.89
CA ARG A 27 -4.98 4.86 -3.27
C ARG A 27 -4.33 4.31 -2.00
N HIS A 28 -5.09 3.54 -1.24
CA HIS A 28 -4.57 2.97 0.00
C HIS A 28 -3.39 2.04 -0.28
N ASP A 29 -3.50 1.27 -1.36
CA ASP A 29 -2.42 0.34 -1.72
C ASP A 29 -1.12 1.10 -1.98
N HIS A 30 -1.24 2.22 -2.70
CA HIS A 30 -0.06 3.03 -3.01
C HIS A 30 0.62 3.51 -1.73
N ASP A 31 -0.19 4.03 -0.80
CA ASP A 31 0.35 4.52 0.46
C ASP A 31 1.02 3.40 1.24
N LYS A 32 0.42 2.21 1.20
CA LYS A 32 0.98 1.06 1.90
C LYS A 32 2.35 0.71 1.33
N ARG A 33 2.48 0.80 0.01
CA ARG A 33 3.74 0.49 -0.64
C ARG A 33 4.85 1.41 -0.13
N GLU A 34 4.54 2.70 -0.03
CA GLU A 34 5.52 3.67 0.45
C GLU A 34 5.90 3.37 1.90
N ALA A 35 4.90 2.99 2.69
CA ALA A 35 5.14 2.67 4.10
C ALA A 35 6.12 1.51 4.23
N GLU A 36 5.97 0.52 3.36
CA GLU A 36 6.83 -0.65 3.39
C GLU A 36 8.29 -0.25 3.13
N ARG A 37 8.48 0.63 2.16
CA ARG A 37 9.83 1.09 1.81
C ARG A 37 10.48 1.82 2.99
N LYS A 38 9.70 2.63 3.69
CA LYS A 38 10.21 3.37 4.82
C LYS A 38 10.67 2.42 5.93
N ALA A 39 9.89 1.36 6.14
CA ALA A 39 10.21 0.38 7.17
C ALA A 39 11.57 -0.27 6.89
N LEU A 40 11.83 -0.57 5.62
CA LEU A 40 13.08 -1.19 5.24
C LEU A 40 14.26 -0.27 5.55
N GLU A 41 14.06 1.02 5.31
CA GLU A 41 15.11 2.01 5.56
C GLU A 41 15.47 2.02 7.05
N ASP A 42 14.46 1.90 7.89
CA ASP A 42 14.67 1.89 9.33
C ASP A 42 15.58 0.75 9.75
N LYS A 43 15.43 -0.40 9.09
CA LYS A 43 16.24 -1.57 9.41
C LYS A 43 17.72 -1.26 9.24
N LEU A 44 18.08 -0.60 8.14
CA LEU A 44 19.48 -0.26 7.89
C LEU A 44 19.98 0.71 8.95
N ALA A 45 19.13 1.65 9.33
CA ALA A 45 19.49 2.64 10.34
C ALA A 45 19.80 1.96 11.67
N ASP A 46 19.00 0.95 12.01
CA ASP A 46 19.19 0.22 13.26
C ASP A 46 19.25 1.20 14.44
N LYS A 47 18.32 2.14 14.47
CA LYS A 47 18.27 3.12 15.54
C LYS A 47 18.06 2.42 16.88
N GLN A 48 17.16 1.45 16.91
CA GLN A 48 16.88 0.70 18.13
C GLN A 48 18.07 -0.16 18.51
N GLU A 49 18.46 -0.10 19.78
CA GLU A 49 19.59 -0.89 20.26
C GLU A 49 19.22 -2.37 20.32
N HIS A 50 20.18 -3.23 20.01
CA HIS A 50 19.95 -4.67 20.03
C HIS A 50 21.27 -5.42 20.26
N LEU A 51 21.21 -6.46 21.09
CA LEU A 51 22.41 -7.24 21.39
C LEU A 51 22.95 -7.92 20.13
N ASP A 52 22.04 -8.42 19.31
CA ASP A 52 22.45 -9.10 18.08
C ASP A 52 23.44 -10.22 18.38
N GLY A 53 23.22 -10.93 19.49
CA GLY A 53 24.11 -12.02 19.88
C GLY A 53 23.93 -13.22 18.96
N ALA A 54 22.88 -13.20 18.15
CA ALA A 54 22.61 -14.30 17.23
C ALA A 54 23.76 -14.49 16.25
N LEU A 55 24.31 -13.39 15.78
CA LEU A 55 25.43 -13.45 14.83
C LEU A 55 26.63 -14.12 15.48
N ARG A 56 26.88 -13.81 16.75
CA ARG A 56 28.01 -14.39 17.47
C ARG A 56 27.76 -15.88 17.74
N TYR A 57 28.83 -16.67 17.67
CA TYR A 57 28.71 -18.10 17.91
C TYR A 57 28.44 -18.38 19.39
N GLY A 1 9.30 -29.72 3.85
CA GLY A 1 8.35 -28.62 4.13
C GLY A 1 8.75 -27.38 3.35
N SER A 2 9.61 -26.56 3.96
CA SER A 2 10.07 -25.34 3.31
C SER A 2 10.79 -25.66 2.01
N ALA A 3 11.66 -26.68 2.05
CA ALA A 3 12.41 -27.08 0.88
C ALA A 3 11.47 -27.53 -0.24
N GLY A 4 10.41 -28.25 0.12
CA GLY A 4 9.44 -28.73 -0.85
C GLY A 4 8.61 -27.57 -1.39
N LEU A 5 8.05 -27.77 -2.59
CA LEU A 5 7.23 -26.74 -3.21
C LEU A 5 5.98 -26.48 -2.36
N GLN A 6 5.40 -27.54 -1.83
CA GLN A 6 4.22 -27.43 -1.01
C GLN A 6 3.17 -26.55 -1.69
N GLU A 7 2.99 -26.75 -2.99
CA GLU A 7 2.01 -25.97 -3.75
C GLU A 7 0.61 -26.24 -3.23
N LYS A 8 -0.15 -25.16 -3.01
CA LYS A 8 -1.53 -25.27 -2.52
C LYS A 8 -2.47 -24.46 -3.40
N GLU A 9 -3.71 -24.94 -3.53
CA GLU A 9 -4.71 -24.24 -4.34
C GLU A 9 -5.01 -22.87 -3.75
N ARG A 10 -5.09 -22.80 -2.42
CA ARG A 10 -5.38 -21.55 -1.74
C ARG A 10 -4.29 -20.53 -2.00
N GLU A 11 -3.04 -20.99 -2.03
CA GLU A 11 -1.91 -20.10 -2.27
C GLU A 11 -2.02 -19.48 -3.66
N LEU A 12 -2.40 -20.30 -4.64
CA LEU A 12 -2.54 -19.81 -6.01
C LEU A 12 -3.62 -18.74 -6.09
N GLU A 13 -4.71 -18.95 -5.35
CA GLU A 13 -5.81 -17.98 -5.35
C GLU A 13 -5.35 -16.64 -4.79
N ASP A 14 -4.53 -16.70 -3.73
CA ASP A 14 -4.02 -15.50 -3.10
C ASP A 14 -3.19 -14.68 -4.09
N LEU A 15 -2.35 -15.38 -4.86
CA LEU A 15 -1.51 -14.71 -5.84
C LEU A 15 -2.36 -13.99 -6.89
N LYS A 16 -3.40 -14.67 -7.35
CA LYS A 16 -4.29 -14.09 -8.36
C LYS A 16 -4.97 -12.84 -7.81
N ASP A 17 -5.37 -12.90 -6.54
CA ASP A 17 -6.02 -11.76 -5.91
C ASP A 17 -5.10 -10.54 -5.89
N ALA A 18 -3.82 -10.79 -5.62
CA ALA A 18 -2.83 -9.71 -5.59
C ALA A 18 -2.73 -9.02 -6.95
N GLU A 19 -2.79 -9.83 -8.01
CA GLU A 19 -2.70 -9.29 -9.36
C GLU A 19 -3.84 -8.34 -9.63
N LEU A 20 -5.04 -8.73 -9.20
CA LEU A 20 -6.23 -7.90 -9.41
C LEU A 20 -6.05 -6.55 -8.73
N LYS A 21 -5.57 -6.57 -7.49
CA LYS A 21 -5.37 -5.34 -6.73
C LYS A 21 -4.34 -4.46 -7.43
N ARG A 22 -3.29 -5.08 -7.96
CA ARG A 22 -2.24 -4.34 -8.66
C ARG A 22 -2.82 -3.60 -9.86
N LEU A 23 -3.67 -4.27 -10.62
CA LEU A 23 -4.29 -3.67 -11.78
C LEU A 23 -5.17 -2.48 -11.38
N ASN A 24 -5.87 -2.63 -10.26
CA ASN A 24 -6.75 -1.58 -9.77
C ASN A 24 -5.94 -0.31 -9.46
N GLU A 25 -4.75 -0.49 -8.90
CA GLU A 25 -3.89 0.63 -8.55
C GLU A 25 -4.61 1.59 -7.61
N GLU A 26 -5.16 1.05 -6.52
CA GLU A 26 -5.87 1.87 -5.54
C GLU A 26 -4.91 2.83 -4.86
N ARG A 27 -5.39 4.03 -4.54
CA ARG A 27 -4.58 5.03 -3.88
C ARG A 27 -4.09 4.52 -2.53
N HIS A 28 -4.99 3.86 -1.79
CA HIS A 28 -4.64 3.33 -0.48
C HIS A 28 -3.54 2.28 -0.60
N ASP A 29 -3.63 1.46 -1.64
CA ASP A 29 -2.62 0.41 -1.84
C ASP A 29 -1.24 1.02 -2.03
N HIS A 30 -1.17 2.12 -2.77
CA HIS A 30 0.11 2.79 -3.01
C HIS A 30 0.68 3.31 -1.70
N ASP A 31 -0.18 3.84 -0.84
CA ASP A 31 0.27 4.37 0.44
C ASP A 31 0.91 3.27 1.28
N LYS A 32 0.33 2.09 1.24
CA LYS A 32 0.85 0.96 2.00
C LYS A 32 2.25 0.60 1.53
N ARG A 33 2.46 0.65 0.21
CA ARG A 33 3.76 0.34 -0.36
C ARG A 33 4.82 1.34 0.12
N GLU A 34 4.43 2.60 0.22
CA GLU A 34 5.34 3.65 0.66
C GLU A 34 5.80 3.38 2.09
N ALA A 35 4.85 2.97 2.94
CA ALA A 35 5.18 2.67 4.33
C ALA A 35 6.19 1.54 4.42
N GLU A 36 6.02 0.53 3.57
CA GLU A 36 6.93 -0.60 3.56
C GLU A 36 8.35 -0.16 3.20
N ARG A 37 8.45 0.75 2.24
CA ARG A 37 9.74 1.26 1.81
C ARG A 37 10.48 1.93 2.97
N LYS A 38 9.75 2.73 3.74
CA LYS A 38 10.33 3.42 4.88
C LYS A 38 10.84 2.41 5.92
N ALA A 39 10.06 1.35 6.12
CA ALA A 39 10.43 0.32 7.08
C ALA A 39 11.75 -0.33 6.69
N LEU A 40 11.93 -0.56 5.39
CA LEU A 40 13.15 -1.18 4.90
C LEU A 40 14.36 -0.30 5.23
N GLU A 41 14.21 1.00 4.99
CA GLU A 41 15.29 1.94 5.26
C GLU A 41 15.63 1.95 6.76
N ASP A 42 14.60 1.87 7.58
CA ASP A 42 14.78 1.88 9.03
C ASP A 42 15.53 3.14 9.49
N LYS A 43 15.12 4.30 8.96
CA LYS A 43 15.76 5.55 9.33
C LYS A 43 15.59 5.82 10.81
N LEU A 44 14.42 5.51 11.35
CA LEU A 44 14.15 5.73 12.76
C LEU A 44 15.10 4.92 13.63
N ALA A 45 15.38 3.68 13.21
CA ALA A 45 16.28 2.82 13.96
C ALA A 45 15.79 2.65 15.40
N ASP A 46 14.48 2.73 15.59
CA ASP A 46 13.90 2.59 16.92
C ASP A 46 14.21 1.21 17.49
N LYS A 47 14.15 0.19 16.64
CA LYS A 47 14.42 -1.17 17.07
C LYS A 47 15.91 -1.35 17.35
N GLN A 48 16.23 -2.16 18.36
CA GLN A 48 17.62 -2.42 18.73
C GLN A 48 17.75 -3.77 19.41
N GLU A 49 18.97 -4.31 19.40
CA GLU A 49 19.22 -5.61 20.02
C GLU A 49 18.26 -6.66 19.48
N HIS A 50 18.02 -6.61 18.17
CA HIS A 50 17.12 -7.57 17.54
C HIS A 50 17.75 -8.95 17.49
N LEU A 51 16.92 -9.99 17.57
CA LEU A 51 17.40 -11.36 17.53
C LEU A 51 18.05 -11.66 16.18
N ASP A 52 17.41 -11.19 15.11
CA ASP A 52 17.93 -11.41 13.75
C ASP A 52 17.53 -10.26 12.83
N GLY A 53 16.93 -9.22 13.41
CA GLY A 53 16.49 -8.06 12.63
C GLY A 53 15.11 -8.29 12.04
N ALA A 54 14.53 -7.24 11.44
CA ALA A 54 13.20 -7.35 10.84
C ALA A 54 13.21 -8.38 9.71
N LEU A 55 14.27 -8.37 8.91
CA LEU A 55 14.37 -9.30 7.80
C LEU A 55 13.07 -9.32 7.00
N ARG A 56 12.46 -10.49 6.89
CA ARG A 56 11.20 -10.62 6.15
C ARG A 56 10.06 -9.94 6.90
N TYR A 57 9.15 -9.34 6.16
CA TYR A 57 8.02 -8.66 6.76
C TYR A 57 7.00 -8.26 5.69
N GLY A 1 -43.49 12.32 -6.23
CA GLY A 1 -44.30 12.76 -5.06
C GLY A 1 -44.17 14.28 -4.89
N SER A 2 -42.93 14.76 -4.90
CA SER A 2 -42.67 16.18 -4.75
C SER A 2 -41.38 16.56 -5.47
N ALA A 3 -41.31 17.80 -5.94
CA ALA A 3 -40.12 18.27 -6.65
C ALA A 3 -38.91 18.17 -5.74
N GLY A 4 -39.12 18.48 -4.46
CA GLY A 4 -38.03 18.44 -3.49
C GLY A 4 -37.17 19.70 -3.57
N LEU A 5 -36.05 19.69 -2.85
CA LEU A 5 -35.15 20.83 -2.86
C LEU A 5 -34.57 21.06 -4.25
N GLN A 6 -34.25 19.97 -4.94
CA GLN A 6 -33.70 20.05 -6.29
C GLN A 6 -32.61 21.11 -6.34
N GLU A 7 -31.45 20.80 -5.74
CA GLU A 7 -30.33 21.72 -5.72
C GLU A 7 -29.01 20.97 -5.90
N LYS A 8 -28.23 21.35 -6.89
CA LYS A 8 -26.95 20.70 -7.15
C LYS A 8 -27.11 19.18 -7.19
N GLU A 9 -28.14 18.71 -7.88
CA GLU A 9 -28.38 17.28 -7.98
C GLU A 9 -27.23 16.58 -8.71
N ARG A 10 -26.73 17.23 -9.75
CA ARG A 10 -25.63 16.66 -10.54
C ARG A 10 -24.39 16.44 -9.69
N GLU A 11 -24.22 17.28 -8.67
CA GLU A 11 -23.06 17.16 -7.78
C GLU A 11 -23.10 15.83 -7.02
N LEU A 12 -24.30 15.44 -6.60
CA LEU A 12 -24.47 14.20 -5.86
C LEU A 12 -24.09 13.00 -6.74
N GLU A 13 -24.45 13.08 -8.01
CA GLU A 13 -24.14 11.99 -8.94
C GLU A 13 -22.63 11.81 -9.05
N ASP A 14 -21.91 12.93 -9.13
CA ASP A 14 -20.46 12.88 -9.25
C ASP A 14 -19.85 12.20 -8.02
N LEU A 15 -20.36 12.56 -6.85
CA LEU A 15 -19.85 11.98 -5.60
C LEU A 15 -20.09 10.47 -5.59
N LYS A 16 -21.29 10.06 -6.00
CA LYS A 16 -21.62 8.64 -6.04
C LYS A 16 -20.68 7.89 -6.98
N ASP A 17 -20.44 8.48 -8.14
CA ASP A 17 -19.55 7.86 -9.12
C ASP A 17 -18.14 7.70 -8.55
N ALA A 18 -17.69 8.71 -7.82
CA ALA A 18 -16.36 8.67 -7.21
C ALA A 18 -16.25 7.50 -6.24
N GLU A 19 -17.31 7.27 -5.48
CA GLU A 19 -17.31 6.17 -4.52
C GLU A 19 -17.14 4.83 -5.22
N LEU A 20 -17.83 4.67 -6.35
CA LEU A 20 -17.74 3.43 -7.11
C LEU A 20 -16.33 3.21 -7.62
N LYS A 21 -15.69 4.30 -8.05
CA LYS A 21 -14.33 4.22 -8.57
C LYS A 21 -13.39 3.71 -7.48
N ARG A 22 -13.56 4.23 -6.26
CA ARG A 22 -12.72 3.82 -5.15
C ARG A 22 -12.87 2.32 -4.88
N LEU A 23 -14.11 1.85 -4.92
CA LEU A 23 -14.37 0.43 -4.68
C LEU A 23 -13.70 -0.42 -5.75
N ASN A 24 -13.75 0.05 -6.99
CA ASN A 24 -13.14 -0.68 -8.10
C ASN A 24 -11.64 -0.82 -7.88
N GLU A 25 -11.01 0.24 -7.40
CA GLU A 25 -9.57 0.24 -7.14
C GLU A 25 -9.26 1.01 -5.86
N GLU A 26 -8.42 0.42 -5.01
CA GLU A 26 -8.05 1.06 -3.75
C GLU A 26 -6.84 1.97 -3.95
N ARG A 27 -7.02 3.25 -3.65
CA ARG A 27 -5.93 4.23 -3.80
C ARG A 27 -5.01 4.19 -2.60
N HIS A 28 -5.43 3.50 -1.54
CA HIS A 28 -4.63 3.40 -0.33
C HIS A 28 -3.55 2.33 -0.49
N ASP A 29 -3.66 1.54 -1.55
CA ASP A 29 -2.68 0.48 -1.80
C ASP A 29 -1.30 1.08 -2.01
N HIS A 30 -1.25 2.21 -2.72
CA HIS A 30 0.03 2.86 -2.99
C HIS A 30 0.66 3.33 -1.68
N ASP A 31 -0.16 3.85 -0.77
CA ASP A 31 0.33 4.33 0.52
C ASP A 31 0.97 3.18 1.29
N LYS A 32 0.37 2.00 1.23
CA LYS A 32 0.89 0.84 1.93
C LYS A 32 2.29 0.51 1.44
N ARG A 33 2.48 0.56 0.13
CA ARG A 33 3.79 0.26 -0.45
C ARG A 33 4.83 1.28 0.02
N GLU A 34 4.41 2.54 0.09
CA GLU A 34 5.32 3.61 0.52
C GLU A 34 5.78 3.35 1.95
N ALA A 35 4.85 2.94 2.81
CA ALA A 35 5.18 2.66 4.20
C ALA A 35 6.19 1.54 4.29
N GLU A 36 6.04 0.53 3.44
CA GLU A 36 6.94 -0.61 3.42
C GLU A 36 8.38 -0.17 3.14
N ARG A 37 8.54 0.74 2.18
CA ARG A 37 9.87 1.22 1.83
C ARG A 37 10.53 1.92 3.01
N LYS A 38 9.74 2.71 3.74
CA LYS A 38 10.25 3.42 4.90
C LYS A 38 10.72 2.44 5.96
N ALA A 39 9.99 1.36 6.14
CA ALA A 39 10.35 0.34 7.13
C ALA A 39 11.71 -0.27 6.81
N LEU A 40 11.96 -0.51 5.52
CA LEU A 40 13.22 -1.08 5.09
C LEU A 40 14.38 -0.14 5.45
N GLU A 41 14.16 1.16 5.26
CA GLU A 41 15.18 2.14 5.57
C GLU A 41 15.53 2.10 7.05
N ASP A 42 14.51 1.98 7.89
CA ASP A 42 14.72 1.93 9.34
C ASP A 42 15.57 0.71 9.71
N LYS A 43 15.32 -0.41 9.04
CA LYS A 43 16.07 -1.63 9.31
C LYS A 43 17.55 -1.41 9.06
N LEU A 44 17.87 -0.76 7.93
CA LEU A 44 19.25 -0.50 7.58
C LEU A 44 19.90 0.42 8.61
N ALA A 45 19.17 1.43 9.05
CA ALA A 45 19.68 2.38 10.03
C ALA A 45 19.47 1.87 11.45
N ASP A 46 19.35 0.55 11.59
CA ASP A 46 19.15 -0.04 12.92
C ASP A 46 20.48 -0.15 13.66
N LYS A 47 21.55 0.31 13.03
CA LYS A 47 22.87 0.26 13.64
C LYS A 47 22.97 1.26 14.78
N GLN A 48 23.69 0.89 15.83
CA GLN A 48 23.86 1.77 16.98
C GLN A 48 24.60 3.04 16.60
N GLU A 49 25.37 2.96 15.52
CA GLU A 49 26.14 4.12 15.06
C GLU A 49 27.04 4.65 16.17
N HIS A 50 27.64 3.75 16.92
CA HIS A 50 28.53 4.14 18.01
C HIS A 50 27.88 5.19 18.91
N LEU A 51 27.11 4.72 19.89
CA LEU A 51 26.45 5.63 20.83
C LEU A 51 27.40 6.01 21.97
N ASP A 52 26.87 6.64 23.02
CA ASP A 52 27.69 7.05 24.15
C ASP A 52 27.76 5.93 25.19
N GLY A 53 27.21 4.77 24.86
CA GLY A 53 27.21 3.63 25.76
C GLY A 53 26.09 3.73 26.78
N ALA A 54 25.26 4.76 26.65
CA ALA A 54 24.14 4.96 27.56
C ALA A 54 23.15 3.80 27.45
N LEU A 55 22.58 3.40 28.57
CA LEU A 55 21.61 2.32 28.58
C LEU A 55 20.39 2.68 27.76
N ARG A 56 19.96 3.94 27.87
CA ARG A 56 18.79 4.40 27.12
C ARG A 56 19.11 4.50 25.64
N TYR A 57 18.25 3.93 24.81
CA TYR A 57 18.45 3.97 23.36
C TYR A 57 18.22 5.38 22.82
N GLY A 1 14.16 6.87 -24.03
CA GLY A 1 13.78 8.31 -24.17
C GLY A 1 13.56 8.63 -25.64
N SER A 2 12.49 8.06 -26.22
CA SER A 2 12.16 8.28 -27.62
C SER A 2 10.70 8.72 -27.75
N ALA A 3 10.41 9.46 -28.81
CA ALA A 3 9.05 9.93 -29.04
C ALA A 3 8.09 8.75 -29.17
N GLY A 4 8.56 7.69 -29.82
CA GLY A 4 7.75 6.50 -30.01
C GLY A 4 6.80 6.67 -31.19
N LEU A 5 6.92 7.81 -31.88
CA LEU A 5 6.06 8.08 -33.04
C LEU A 5 6.36 7.08 -34.15
N GLN A 6 7.63 6.75 -34.32
CA GLN A 6 8.03 5.80 -35.36
C GLN A 6 7.43 4.42 -35.08
N GLU A 7 7.42 4.03 -33.80
CA GLU A 7 6.88 2.74 -33.43
C GLU A 7 5.38 2.69 -33.70
N LYS A 8 4.94 1.65 -34.41
CA LYS A 8 3.52 1.48 -34.74
C LYS A 8 2.84 0.57 -33.74
N GLU A 9 3.64 -0.12 -32.93
CA GLU A 9 3.09 -1.03 -31.92
C GLU A 9 2.27 -0.27 -30.89
N ARG A 10 2.76 0.90 -30.50
CA ARG A 10 2.06 1.73 -29.51
C ARG A 10 1.69 0.92 -28.28
N GLU A 11 2.31 -0.25 -28.12
CA GLU A 11 2.02 -1.11 -26.97
C GLU A 11 2.47 -0.44 -25.67
N LEU A 12 3.61 0.24 -25.73
CA LEU A 12 4.14 0.91 -24.55
C LEU A 12 3.18 2.01 -24.09
N GLU A 13 2.60 2.72 -25.04
CA GLU A 13 1.67 3.79 -24.71
C GLU A 13 0.44 3.23 -24.01
N ASP A 14 -0.03 2.08 -24.48
CA ASP A 14 -1.21 1.44 -23.90
C ASP A 14 -0.95 1.09 -22.43
N LEU A 15 0.23 0.56 -22.15
CA LEU A 15 0.57 0.17 -20.79
C LEU A 15 0.59 1.39 -19.88
N LYS A 16 1.10 2.50 -20.38
CA LYS A 16 1.18 3.74 -19.59
C LYS A 16 -0.23 4.21 -19.22
N ASP A 17 -1.16 4.08 -20.15
CA ASP A 17 -2.53 4.51 -19.91
C ASP A 17 -3.14 3.71 -18.76
N ALA A 18 -2.90 2.41 -18.77
CA ALA A 18 -3.43 1.54 -17.71
C ALA A 18 -2.87 1.95 -16.35
N GLU A 19 -1.60 2.31 -16.32
CA GLU A 19 -0.96 2.71 -15.07
C GLU A 19 -1.66 3.95 -14.49
N LEU A 20 -1.97 4.91 -15.37
CA LEU A 20 -2.64 6.13 -14.93
C LEU A 20 -4.04 5.80 -14.42
N LYS A 21 -4.72 4.88 -15.10
CA LYS A 21 -6.07 4.50 -14.71
C LYS A 21 -6.06 3.91 -13.30
N ARG A 22 -5.08 3.05 -13.03
CA ARG A 22 -4.97 2.43 -11.72
C ARG A 22 -4.72 3.48 -10.63
N LEU A 23 -3.91 4.48 -10.97
CA LEU A 23 -3.55 5.54 -10.02
C LEU A 23 -4.79 6.30 -9.54
N ASN A 24 -5.72 6.59 -10.45
CA ASN A 24 -6.92 7.35 -10.07
C ASN A 24 -7.70 6.63 -8.96
N GLU A 25 -7.39 5.35 -8.76
CA GLU A 25 -8.08 4.56 -7.72
C GLU A 25 -7.08 3.66 -6.99
N GLU A 26 -7.56 2.85 -6.05
CA GLU A 26 -6.68 1.97 -5.30
C GLU A 26 -5.49 2.74 -4.75
N ARG A 27 -5.71 4.02 -4.46
CA ARG A 27 -4.63 4.87 -3.93
C ARG A 27 -4.18 4.37 -2.56
N HIS A 28 -5.06 3.66 -1.87
CA HIS A 28 -4.73 3.14 -0.55
C HIS A 28 -3.57 2.14 -0.63
N ASP A 29 -3.58 1.31 -1.67
CA ASP A 29 -2.54 0.31 -1.85
C ASP A 29 -1.18 0.99 -2.01
N HIS A 30 -1.16 2.09 -2.76
CA HIS A 30 0.09 2.83 -2.99
C HIS A 30 0.64 3.37 -1.68
N ASP A 31 -0.26 3.86 -0.83
CA ASP A 31 0.17 4.42 0.46
C ASP A 31 0.86 3.36 1.31
N LYS A 32 0.31 2.16 1.33
CA LYS A 32 0.89 1.07 2.10
C LYS A 32 2.27 0.72 1.57
N ARG A 33 2.42 0.73 0.25
CA ARG A 33 3.70 0.41 -0.37
C ARG A 33 4.78 1.39 0.09
N GLU A 34 4.43 2.67 0.12
CA GLU A 34 5.37 3.71 0.53
C GLU A 34 5.82 3.47 1.98
N ALA A 35 4.87 3.11 2.83
CA ALA A 35 5.18 2.84 4.23
C ALA A 35 6.17 1.69 4.36
N GLU A 36 5.98 0.67 3.53
CA GLU A 36 6.86 -0.50 3.56
C GLU A 36 8.30 -0.09 3.22
N ARG A 37 8.45 0.82 2.27
CA ARG A 37 9.77 1.27 1.86
C ARG A 37 10.52 1.89 3.03
N LYS A 38 9.83 2.70 3.82
CA LYS A 38 10.46 3.35 4.97
C LYS A 38 10.93 2.31 5.98
N ALA A 39 10.13 1.26 6.16
CA ALA A 39 10.48 0.21 7.11
C ALA A 39 11.78 -0.47 6.69
N LEU A 40 11.95 -0.69 5.39
CA LEU A 40 13.16 -1.33 4.89
C LEU A 40 14.35 -0.37 5.04
N GLU A 41 14.10 0.91 4.79
CA GLU A 41 15.15 1.92 4.91
C GLU A 41 15.69 1.98 6.33
N ASP A 42 14.78 1.93 7.30
CA ASP A 42 15.16 1.98 8.71
C ASP A 42 16.06 0.80 9.05
N LYS A 43 15.74 -0.37 8.51
CA LYS A 43 16.53 -1.57 8.78
C LYS A 43 17.97 -1.38 8.30
N LEU A 44 18.11 -0.82 7.10
CA LEU A 44 19.44 -0.58 6.53
C LEU A 44 20.23 0.40 7.41
N ALA A 45 19.55 1.42 7.91
CA ALA A 45 20.20 2.41 8.76
C ALA A 45 20.76 1.76 10.01
N ASP A 46 20.01 0.84 10.58
CA ASP A 46 20.45 0.14 11.79
C ASP A 46 19.66 -1.16 11.98
N LYS A 47 20.23 -2.07 12.76
CA LYS A 47 19.58 -3.36 13.03
C LYS A 47 19.72 -3.72 14.52
N GLN A 48 18.59 -4.07 15.14
CA GLN A 48 18.59 -4.43 16.56
C GLN A 48 17.82 -5.73 16.78
N GLU A 49 18.25 -6.51 17.77
CA GLU A 49 17.59 -7.78 18.08
C GLU A 49 16.45 -7.55 19.06
N HIS A 50 16.32 -6.33 19.54
CA HIS A 50 15.27 -5.99 20.49
C HIS A 50 13.88 -6.25 19.90
N LEU A 51 13.66 -5.79 18.67
CA LEU A 51 12.38 -5.98 18.01
C LEU A 51 12.56 -6.07 16.49
N ASP A 52 13.50 -5.30 15.96
CA ASP A 52 13.74 -5.31 14.52
C ASP A 52 14.18 -6.69 14.06
N GLY A 53 15.01 -7.36 14.87
CA GLY A 53 15.48 -8.69 14.53
C GLY A 53 14.43 -9.74 14.88
N ALA A 54 14.73 -11.01 14.58
CA ALA A 54 13.79 -12.09 14.87
C ALA A 54 12.43 -11.81 14.24
N LEU A 55 12.45 -11.23 13.05
CA LEU A 55 11.22 -10.92 12.34
C LEU A 55 10.43 -12.19 12.06
N ARG A 56 11.12 -13.22 11.59
CA ARG A 56 10.48 -14.49 11.29
C ARG A 56 9.96 -15.15 12.57
N TYR A 57 8.71 -15.59 12.54
CA TYR A 57 8.11 -16.24 13.70
C TYR A 57 8.66 -17.65 13.87
N GLY A 1 0.20 6.73 -44.57
CA GLY A 1 0.33 7.41 -43.25
C GLY A 1 0.57 6.36 -42.17
N SER A 2 1.75 6.43 -41.54
CA SER A 2 2.09 5.48 -40.49
C SER A 2 3.13 6.10 -39.56
N ALA A 3 3.28 5.49 -38.38
CA ALA A 3 4.25 5.99 -37.40
C ALA A 3 5.66 5.93 -37.99
N GLY A 4 5.95 4.87 -38.73
CA GLY A 4 7.27 4.72 -39.35
C GLY A 4 8.30 4.15 -38.37
N LEU A 5 9.57 4.34 -38.71
CA LEU A 5 10.67 3.84 -37.88
C LEU A 5 10.66 4.49 -36.51
N GLN A 6 10.28 5.75 -36.45
CA GLN A 6 10.24 6.47 -35.18
C GLN A 6 9.28 5.80 -34.21
N GLU A 7 8.15 5.32 -34.74
CA GLU A 7 7.16 4.64 -33.89
C GLU A 7 6.72 5.56 -32.75
N LYS A 8 6.62 6.85 -33.05
CA LYS A 8 6.21 7.84 -32.06
C LYS A 8 4.79 7.55 -31.56
N GLU A 9 3.91 7.19 -32.49
CA GLU A 9 2.51 6.91 -32.13
C GLU A 9 2.42 5.72 -31.19
N ARG A 10 3.23 4.70 -31.43
CA ARG A 10 3.21 3.51 -30.58
C ARG A 10 3.62 3.86 -29.15
N GLU A 11 4.61 4.74 -29.02
CA GLU A 11 5.08 5.16 -27.70
C GLU A 11 3.98 5.87 -26.94
N LEU A 12 3.21 6.70 -27.64
CA LEU A 12 2.13 7.43 -27.01
C LEU A 12 1.07 6.47 -26.46
N GLU A 13 0.80 5.41 -27.23
CA GLU A 13 -0.19 4.41 -26.82
C GLU A 13 0.27 3.71 -25.54
N ASP A 14 1.55 3.43 -25.45
CA ASP A 14 2.09 2.75 -24.28
C ASP A 14 1.88 3.60 -23.03
N LEU A 15 2.05 4.91 -23.17
CA LEU A 15 1.87 5.81 -22.04
C LEU A 15 0.43 5.77 -21.55
N LYS A 16 -0.51 5.70 -22.49
CA LYS A 16 -1.92 5.66 -22.15
C LYS A 16 -2.22 4.42 -21.29
N ASP A 17 -1.67 3.29 -21.69
CA ASP A 17 -1.88 2.04 -20.96
C ASP A 17 -1.37 2.17 -19.54
N ALA A 18 -0.19 2.77 -19.38
CA ALA A 18 0.40 2.94 -18.06
C ALA A 18 -0.50 3.80 -17.18
N GLU A 19 -1.08 4.84 -17.77
CA GLU A 19 -1.97 5.73 -17.02
C GLU A 19 -3.18 4.98 -16.50
N LEU A 20 -3.72 4.09 -17.32
CA LEU A 20 -4.90 3.30 -16.93
C LEU A 20 -4.56 2.42 -15.73
N LYS A 21 -3.37 1.84 -15.73
CA LYS A 21 -2.95 0.98 -14.64
C LYS A 21 -2.90 1.76 -13.33
N ARG A 22 -2.43 2.99 -13.40
CA ARG A 22 -2.33 3.83 -12.21
C ARG A 22 -3.71 4.04 -11.60
N LEU A 23 -4.69 4.33 -12.45
CA LEU A 23 -6.06 4.56 -11.98
C LEU A 23 -6.61 3.29 -11.33
N ASN A 24 -6.28 2.14 -11.91
CA ASN A 24 -6.76 0.87 -11.39
C ASN A 24 -6.23 0.65 -9.97
N GLU A 25 -4.96 1.00 -9.76
CA GLU A 25 -4.34 0.84 -8.45
C GLU A 25 -5.06 1.70 -7.41
N GLU A 26 -5.37 1.10 -6.27
CA GLU A 26 -6.06 1.83 -5.20
C GLU A 26 -5.11 2.82 -4.53
N ARG A 27 -5.65 3.97 -4.12
CA ARG A 27 -4.84 4.99 -3.48
C ARG A 27 -4.27 4.46 -2.16
N HIS A 28 -5.07 3.70 -1.43
CA HIS A 28 -4.63 3.14 -0.16
C HIS A 28 -3.47 2.19 -0.37
N ASP A 29 -3.54 1.40 -1.43
CA ASP A 29 -2.49 0.43 -1.75
C ASP A 29 -1.16 1.16 -1.98
N HIS A 30 -1.23 2.29 -2.67
CA HIS A 30 -0.03 3.07 -2.96
C HIS A 30 0.65 3.50 -1.67
N ASP A 31 -0.12 4.01 -0.73
CA ASP A 31 0.42 4.46 0.55
C ASP A 31 1.07 3.30 1.29
N LYS A 32 0.43 2.13 1.22
CA LYS A 32 0.95 0.94 1.90
C LYS A 32 2.33 0.58 1.36
N ARG A 33 2.48 0.64 0.03
CA ARG A 33 3.75 0.32 -0.59
C ARG A 33 4.85 1.27 -0.11
N GLU A 34 4.52 2.55 -0.05
CA GLU A 34 5.48 3.55 0.42
C GLU A 34 5.86 3.29 1.86
N ALA A 35 4.88 2.91 2.68
CA ALA A 35 5.13 2.63 4.09
C ALA A 35 6.13 1.49 4.25
N GLU A 36 5.99 0.47 3.40
CA GLU A 36 6.88 -0.69 3.46
C GLU A 36 8.31 -0.26 3.18
N ARG A 37 8.49 0.62 2.19
CA ARG A 37 9.82 1.10 1.85
C ARG A 37 10.44 1.85 3.02
N LYS A 38 9.63 2.64 3.72
CA LYS A 38 10.10 3.41 4.86
C LYS A 38 10.65 2.48 5.94
N ALA A 39 9.93 1.40 6.20
CA ALA A 39 10.34 0.44 7.22
C ALA A 39 11.70 -0.18 6.85
N LEU A 40 11.87 -0.49 5.57
CA LEU A 40 13.12 -1.08 5.11
C LEU A 40 14.28 -0.13 5.32
N GLU A 41 14.03 1.16 5.08
CA GLU A 41 15.07 2.17 5.25
C GLU A 41 15.51 2.24 6.71
N ASP A 42 14.55 2.12 7.63
CA ASP A 42 14.88 2.17 9.05
C ASP A 42 15.80 1.02 9.43
N LYS A 43 15.57 -0.15 8.85
CA LYS A 43 16.40 -1.31 9.14
C LYS A 43 17.85 -1.04 8.74
N LEU A 44 18.03 -0.45 7.57
CA LEU A 44 19.37 -0.13 7.08
C LEU A 44 20.05 0.87 8.02
N ALA A 45 19.28 1.84 8.51
CA ALA A 45 19.81 2.85 9.41
C ALA A 45 20.35 2.19 10.68
N ASP A 46 19.63 1.19 11.17
CA ASP A 46 20.05 0.50 12.39
C ASP A 46 21.42 -0.15 12.20
N LYS A 47 22.22 -0.14 13.26
CA LYS A 47 23.56 -0.71 13.21
C LYS A 47 23.49 -2.21 12.91
N GLN A 48 22.52 -2.89 13.50
CA GLN A 48 22.36 -4.32 13.29
C GLN A 48 21.90 -4.60 11.87
N GLU A 49 22.40 -5.69 11.30
CA GLU A 49 22.04 -6.09 9.93
C GLU A 49 21.70 -7.58 9.86
N HIS A 50 20.81 -7.94 8.95
CA HIS A 50 20.41 -9.33 8.80
C HIS A 50 21.54 -10.15 8.18
N LEU A 51 21.44 -11.47 8.32
CA LEU A 51 22.44 -12.38 7.78
C LEU A 51 22.49 -12.33 6.25
N ASP A 52 21.32 -12.18 5.63
CA ASP A 52 21.23 -12.14 4.18
C ASP A 52 21.73 -10.81 3.64
N GLY A 53 22.16 -9.91 4.52
CA GLY A 53 22.66 -8.61 4.10
C GLY A 53 23.87 -8.76 3.20
N ALA A 54 24.74 -9.70 3.54
CA ALA A 54 25.95 -9.94 2.75
C ALA A 54 25.59 -10.36 1.33
N LEU A 55 24.57 -11.19 1.21
CA LEU A 55 24.14 -11.66 -0.10
C LEU A 55 23.67 -10.50 -0.97
N ARG A 56 22.96 -9.55 -0.35
CA ARG A 56 22.46 -8.40 -1.08
C ARG A 56 23.61 -7.45 -1.42
N TYR A 57 23.51 -6.81 -2.59
CA TYR A 57 24.54 -5.88 -3.02
C TYR A 57 24.91 -4.93 -1.90
N GLY A 1 -31.70 -17.77 -23.36
CA GLY A 1 -30.35 -18.04 -22.79
C GLY A 1 -30.45 -18.13 -21.27
N SER A 2 -30.72 -19.32 -20.77
CA SER A 2 -30.84 -19.53 -19.32
C SER A 2 -29.51 -19.23 -18.63
N ALA A 3 -28.42 -19.33 -19.38
CA ALA A 3 -27.10 -19.06 -18.82
C ALA A 3 -27.01 -17.63 -18.32
N GLY A 4 -27.59 -16.70 -19.08
CA GLY A 4 -27.57 -15.29 -18.69
C GLY A 4 -26.26 -14.63 -19.11
N LEU A 5 -25.39 -15.41 -19.78
CA LEU A 5 -24.10 -14.89 -20.23
C LEU A 5 -24.23 -14.30 -21.63
N GLN A 6 -25.41 -14.47 -22.23
CA GLN A 6 -25.64 -13.96 -23.57
C GLN A 6 -25.53 -12.44 -23.58
N GLU A 7 -26.06 -11.80 -22.54
CA GLU A 7 -26.02 -10.35 -22.45
C GLU A 7 -24.59 -9.88 -22.17
N LYS A 8 -24.22 -8.74 -22.76
CA LYS A 8 -22.88 -8.19 -22.56
C LYS A 8 -22.73 -7.62 -21.15
N GLU A 9 -23.85 -7.29 -20.51
CA GLU A 9 -23.82 -6.74 -19.16
C GLU A 9 -22.98 -5.46 -19.12
N ARG A 10 -23.18 -4.58 -20.11
CA ARG A 10 -22.43 -3.34 -20.17
C ARG A 10 -22.71 -2.46 -18.95
N GLU A 11 -23.96 -2.45 -18.51
CA GLU A 11 -24.35 -1.63 -17.36
C GLU A 11 -23.57 -2.05 -16.11
N LEU A 12 -23.51 -3.36 -15.87
CA LEU A 12 -22.78 -3.87 -14.71
C LEU A 12 -21.29 -3.54 -14.83
N GLU A 13 -20.76 -3.65 -16.04
CA GLU A 13 -19.35 -3.36 -16.28
C GLU A 13 -19.06 -1.88 -16.00
N ASP A 14 -19.99 -1.02 -16.39
CA ASP A 14 -19.82 0.41 -16.19
C ASP A 14 -19.70 0.73 -14.71
N LEU A 15 -20.54 0.09 -13.90
CA LEU A 15 -20.51 0.33 -12.46
C LEU A 15 -19.17 -0.10 -11.88
N LYS A 16 -18.65 -1.22 -12.37
CA LYS A 16 -17.37 -1.72 -11.89
C LYS A 16 -16.25 -0.73 -12.19
N ASP A 17 -16.32 -0.12 -13.37
CA ASP A 17 -15.30 0.85 -13.78
C ASP A 17 -15.29 2.04 -12.82
N ALA A 18 -16.47 2.51 -12.44
CA ALA A 18 -16.56 3.64 -11.52
C ALA A 18 -15.92 3.30 -10.18
N GLU A 19 -16.14 2.07 -9.72
CA GLU A 19 -15.58 1.64 -8.45
C GLU A 19 -14.05 1.66 -8.49
N LEU A 20 -13.49 1.24 -9.63
CA LEU A 20 -12.05 1.23 -9.79
C LEU A 20 -11.48 2.64 -9.69
N LYS A 21 -12.19 3.59 -10.29
CA LYS A 21 -11.75 4.98 -10.27
C LYS A 21 -11.65 5.48 -8.83
N ARG A 22 -12.66 5.17 -8.02
CA ARG A 22 -12.67 5.59 -6.63
C ARG A 22 -11.47 5.01 -5.89
N LEU A 23 -11.20 3.74 -6.13
CA LEU A 23 -10.08 3.06 -5.48
C LEU A 23 -8.77 3.75 -5.86
N ASN A 24 -8.63 4.06 -7.15
CA ASN A 24 -7.40 4.71 -7.62
C ASN A 24 -7.21 6.07 -6.94
N GLU A 25 -8.30 6.80 -6.77
CA GLU A 25 -8.24 8.11 -6.12
C GLU A 25 -7.77 7.97 -4.68
N GLU A 26 -8.24 6.92 -4.01
CA GLU A 26 -7.86 6.68 -2.62
C GLU A 26 -6.36 6.45 -2.51
N ARG A 27 -5.81 5.72 -3.47
CA ARG A 27 -4.39 5.42 -3.47
C ARG A 27 -3.97 4.73 -2.17
N HIS A 28 -4.90 3.99 -1.58
CA HIS A 28 -4.64 3.28 -0.33
C HIS A 28 -3.50 2.27 -0.51
N ASP A 29 -3.55 1.51 -1.60
CA ASP A 29 -2.53 0.51 -1.87
C ASP A 29 -1.16 1.15 -2.02
N HIS A 30 -1.12 2.30 -2.69
CA HIS A 30 0.14 3.00 -2.89
C HIS A 30 0.74 3.44 -1.56
N ASP A 31 -0.12 3.88 -0.64
CA ASP A 31 0.34 4.32 0.67
C ASP A 31 1.01 3.17 1.41
N LYS A 32 0.41 1.99 1.34
CA LYS A 32 0.95 0.82 2.01
C LYS A 32 2.34 0.50 1.47
N ARG A 33 2.48 0.54 0.15
CA ARG A 33 3.76 0.25 -0.48
C ARG A 33 4.83 1.24 -0.01
N GLU A 34 4.46 2.51 0.05
CA GLU A 34 5.40 3.56 0.48
C GLU A 34 5.84 3.31 1.92
N ALA A 35 4.88 2.92 2.76
CA ALA A 35 5.18 2.65 4.17
C ALA A 35 6.19 1.51 4.29
N GLU A 36 6.03 0.49 3.45
CA GLU A 36 6.94 -0.65 3.48
C GLU A 36 8.36 -0.21 3.17
N ARG A 37 8.50 0.67 2.19
CA ARG A 37 9.81 1.17 1.79
C ARG A 37 10.48 1.90 2.95
N LYS A 38 9.70 2.74 3.64
CA LYS A 38 10.23 3.49 4.78
C LYS A 38 10.72 2.53 5.86
N ALA A 39 9.93 1.50 6.14
CA ALA A 39 10.30 0.51 7.15
C ALA A 39 11.61 -0.19 6.78
N LEU A 40 11.76 -0.48 5.50
CA LEU A 40 12.97 -1.15 5.02
C LEU A 40 14.19 -0.28 5.29
N GLU A 41 14.08 1.01 5.00
CA GLU A 41 15.19 1.93 5.23
C GLU A 41 15.54 2.00 6.71
N ASP A 42 14.50 2.00 7.56
CA ASP A 42 14.71 2.07 9.00
C ASP A 42 14.84 0.67 9.58
N LYS A 43 14.69 0.55 10.90
CA LYS A 43 14.80 -0.74 11.59
C LYS A 43 16.19 -1.35 11.40
N LEU A 44 16.96 -0.83 10.43
CA LEU A 44 18.30 -1.33 10.19
C LEU A 44 19.19 -1.03 11.39
N ALA A 45 18.98 0.16 11.96
CA ALA A 45 19.76 0.57 13.13
C ALA A 45 19.56 -0.39 14.29
N ASP A 46 18.31 -0.83 14.47
CA ASP A 46 17.99 -1.76 15.55
C ASP A 46 18.25 -3.20 15.12
N LYS A 47 19.33 -3.78 15.66
CA LYS A 47 19.68 -5.14 15.33
C LYS A 47 18.59 -6.11 15.79
N GLN A 48 18.19 -7.01 14.90
CA GLN A 48 17.15 -8.00 15.22
C GLN A 48 17.43 -9.31 14.50
N GLU A 49 17.24 -10.42 15.20
CA GLU A 49 17.48 -11.74 14.61
C GLU A 49 16.55 -11.98 13.42
N HIS A 50 15.30 -11.54 13.56
CA HIS A 50 14.32 -11.73 12.49
C HIS A 50 14.78 -11.02 11.22
N LEU A 51 15.21 -9.76 11.36
CA LEU A 51 15.68 -9.00 10.21
C LEU A 51 16.92 -9.65 9.60
N ASP A 52 17.80 -10.13 10.47
CA ASP A 52 19.04 -10.77 10.01
C ASP A 52 18.71 -12.00 9.17
N GLY A 53 17.76 -12.80 9.64
CA GLY A 53 17.36 -14.01 8.93
C GLY A 53 18.32 -15.16 9.23
N ALA A 54 19.31 -14.89 10.09
CA ALA A 54 20.27 -15.91 10.46
C ALA A 54 19.60 -17.02 11.25
N LEU A 55 20.01 -18.27 11.00
CA LEU A 55 19.45 -19.43 11.70
C LEU A 55 20.46 -19.96 12.72
N ARG A 56 20.13 -21.09 13.37
CA ARG A 56 21.03 -21.68 14.35
C ARG A 56 21.43 -20.64 15.39
N TYR A 57 20.46 -19.80 15.78
CA TYR A 57 20.72 -18.77 16.77
C TYR A 57 19.43 -18.04 17.13
N GLY A 1 -38.10 -2.85 26.02
CA GLY A 1 -36.81 -2.93 25.27
C GLY A 1 -36.75 -1.80 24.25
N SER A 2 -36.73 -0.57 24.74
CA SER A 2 -36.68 0.60 23.85
C SER A 2 -35.38 0.60 23.05
N ALA A 3 -34.36 -0.06 23.59
CA ALA A 3 -33.07 -0.12 22.91
C ALA A 3 -33.21 -0.81 21.55
N GLY A 4 -34.01 -1.85 21.50
CA GLY A 4 -34.22 -2.58 20.25
C GLY A 4 -33.10 -3.57 19.99
N LEU A 5 -32.16 -3.66 20.94
CA LEU A 5 -31.04 -4.58 20.79
C LEU A 5 -30.32 -4.31 19.46
N GLN A 6 -30.10 -3.04 19.17
CA GLN A 6 -29.42 -2.67 17.93
C GLN A 6 -27.99 -3.19 17.93
N GLU A 7 -27.33 -3.11 19.08
CA GLU A 7 -25.96 -3.59 19.21
C GLU A 7 -25.05 -2.90 18.18
N LYS A 8 -25.12 -1.57 18.14
CA LYS A 8 -24.29 -0.80 17.20
C LYS A 8 -22.81 -1.02 17.51
N GLU A 9 -22.48 -1.07 18.80
CA GLU A 9 -21.10 -1.28 19.23
C GLU A 9 -20.12 -0.53 18.32
N ARG A 10 -18.84 -0.92 18.38
CA ARG A 10 -17.81 -0.28 17.57
C ARG A 10 -17.95 -0.67 16.10
N GLU A 11 -18.94 -1.50 15.79
CA GLU A 11 -19.16 -1.94 14.42
C GLU A 11 -19.46 -0.75 13.51
N LEU A 12 -20.24 0.21 14.03
CA LEU A 12 -20.57 1.39 13.24
C LEU A 12 -19.30 2.15 12.85
N GLU A 13 -18.40 2.31 13.81
CA GLU A 13 -17.15 3.01 13.56
C GLU A 13 -16.33 2.29 12.49
N ASP A 14 -16.29 0.97 12.58
CA ASP A 14 -15.54 0.18 11.60
C ASP A 14 -16.09 0.39 10.20
N LEU A 15 -17.41 0.46 10.09
CA LEU A 15 -18.05 0.65 8.78
C LEU A 15 -17.65 2.01 8.20
N LYS A 16 -17.58 3.01 9.06
CA LYS A 16 -17.21 4.35 8.62
C LYS A 16 -15.80 4.35 8.02
N ASP A 17 -14.88 3.67 8.67
CA ASP A 17 -13.50 3.59 8.19
C ASP A 17 -13.45 2.95 6.81
N ALA A 18 -14.29 1.94 6.60
CA ALA A 18 -14.33 1.23 5.33
C ALA A 18 -14.67 2.18 4.18
N GLU A 19 -15.58 3.12 4.44
CA GLU A 19 -16.00 4.07 3.41
C GLU A 19 -14.81 4.87 2.89
N LEU A 20 -13.96 5.35 3.81
CA LEU A 20 -12.79 6.11 3.41
C LEU A 20 -11.84 5.24 2.58
N LYS A 21 -11.70 3.98 2.99
CA LYS A 21 -10.82 3.06 2.28
C LYS A 21 -11.30 2.85 0.85
N ARG A 22 -12.61 2.77 0.68
CA ARG A 22 -13.20 2.58 -0.65
C ARG A 22 -12.85 3.75 -1.56
N LEU A 23 -12.95 4.96 -1.02
CA LEU A 23 -12.68 6.17 -1.80
C LEU A 23 -11.20 6.22 -2.22
N ASN A 24 -10.31 5.79 -1.33
CA ASN A 24 -8.88 5.81 -1.63
C ASN A 24 -8.56 4.91 -2.83
N GLU A 25 -9.22 3.76 -2.91
CA GLU A 25 -8.99 2.84 -4.01
C GLU A 25 -7.51 2.49 -4.14
N GLU A 26 -6.93 2.79 -5.29
CA GLU A 26 -5.52 2.52 -5.55
C GLU A 26 -4.62 3.35 -4.65
N ARG A 27 -5.12 4.50 -4.21
CA ARG A 27 -4.34 5.38 -3.35
C ARG A 27 -3.92 4.66 -2.07
N HIS A 28 -4.85 3.93 -1.47
CA HIS A 28 -4.55 3.20 -0.24
C HIS A 28 -3.42 2.20 -0.46
N ASP A 29 -3.50 1.45 -1.56
CA ASP A 29 -2.48 0.46 -1.88
C ASP A 29 -1.13 1.14 -2.06
N HIS A 30 -1.13 2.26 -2.77
CA HIS A 30 0.11 3.00 -3.02
C HIS A 30 0.75 3.44 -1.70
N ASP A 31 -0.07 3.99 -0.82
CA ASP A 31 0.41 4.46 0.48
C ASP A 31 1.00 3.29 1.28
N LYS A 32 0.33 2.14 1.20
CA LYS A 32 0.80 0.96 1.93
C LYS A 32 2.20 0.57 1.47
N ARG A 33 2.41 0.59 0.15
CA ARG A 33 3.72 0.25 -0.40
C ARG A 33 4.77 1.23 0.07
N GLU A 34 4.40 2.51 0.13
CA GLU A 34 5.33 3.54 0.57
C GLU A 34 5.78 3.29 2.01
N ALA A 35 4.83 2.91 2.86
CA ALA A 35 5.14 2.63 4.25
C ALA A 35 6.14 1.49 4.37
N GLU A 36 5.97 0.48 3.54
CA GLU A 36 6.86 -0.68 3.55
C GLU A 36 8.28 -0.25 3.22
N ARG A 37 8.42 0.63 2.24
CA ARG A 37 9.74 1.10 1.83
C ARG A 37 10.41 1.86 2.97
N LYS A 38 9.61 2.65 3.70
CA LYS A 38 10.14 3.42 4.82
C LYS A 38 10.73 2.48 5.87
N ALA A 39 10.01 1.40 6.16
CA ALA A 39 10.47 0.44 7.15
C ALA A 39 11.80 -0.17 6.74
N LEU A 40 11.93 -0.46 5.44
CA LEU A 40 13.16 -1.05 4.92
C LEU A 40 14.34 -0.13 5.17
N GLU A 41 14.14 1.15 4.89
CA GLU A 41 15.20 2.15 5.07
C GLU A 41 15.60 2.23 6.55
N ASP A 42 14.61 2.16 7.43
CA ASP A 42 14.86 2.24 8.87
C ASP A 42 15.75 1.09 9.31
N LYS A 43 15.45 -0.11 8.80
CA LYS A 43 16.24 -1.29 9.16
C LYS A 43 17.70 -1.11 8.73
N LEU A 44 17.89 -0.58 7.53
CA LEU A 44 19.23 -0.37 7.02
C LEU A 44 19.98 0.64 7.89
N ALA A 45 19.27 1.67 8.33
CA ALA A 45 19.89 2.70 9.17
C ALA A 45 20.40 2.08 10.48
N ASP A 46 19.62 1.17 11.04
CA ASP A 46 19.99 0.52 12.29
C ASP A 46 21.29 -0.26 12.12
N LYS A 47 21.42 -0.92 10.97
CA LYS A 47 22.62 -1.72 10.68
C LYS A 47 23.87 -0.84 10.68
N GLN A 48 23.74 0.36 10.13
CA GLN A 48 24.86 1.31 10.06
C GLN A 48 26.05 0.68 9.33
N GLU A 49 25.83 -0.47 8.71
CA GLU A 49 26.89 -1.13 7.98
C GLU A 49 27.34 -0.31 6.78
N HIS A 50 26.39 0.31 6.09
CA HIS A 50 26.71 1.13 4.93
C HIS A 50 27.59 2.32 5.30
N LEU A 51 27.46 2.78 6.54
CA LEU A 51 28.26 3.91 7.00
C LEU A 51 29.73 3.54 7.03
N ASP A 52 30.02 2.31 7.45
CA ASP A 52 31.41 1.85 7.51
C ASP A 52 32.27 2.84 8.30
N GLY A 53 33.58 2.80 8.07
CA GLY A 53 34.48 3.71 8.77
C GLY A 53 34.84 3.17 10.16
N ALA A 54 34.31 1.99 10.47
CA ALA A 54 34.56 1.38 11.77
C ALA A 54 36.04 1.03 11.92
N LEU A 55 36.58 1.24 13.13
CA LEU A 55 37.98 0.95 13.39
C LEU A 55 38.27 -0.54 13.19
N ARG A 56 37.35 -1.38 13.64
CA ARG A 56 37.52 -2.83 13.51
C ARG A 56 37.64 -3.23 12.05
N TYR A 57 36.79 -2.67 11.20
CA TYR A 57 36.81 -2.98 9.77
C TYR A 57 37.82 -2.09 9.06
N GLY A 1 -33.91 15.77 -21.55
CA GLY A 1 -33.19 16.72 -22.44
C GLY A 1 -33.14 18.10 -21.79
N SER A 2 -33.54 18.16 -20.53
CA SER A 2 -33.55 19.42 -19.80
C SER A 2 -32.13 20.00 -19.71
N ALA A 3 -31.17 19.12 -19.41
CA ALA A 3 -29.78 19.56 -19.30
C ALA A 3 -29.29 20.12 -20.63
N GLY A 4 -29.69 19.48 -21.72
CA GLY A 4 -29.29 19.92 -23.06
C GLY A 4 -27.89 19.41 -23.41
N LEU A 5 -27.29 18.65 -22.50
CA LEU A 5 -25.95 18.11 -22.74
C LEU A 5 -26.03 16.95 -23.74
N GLN A 6 -25.03 16.87 -24.60
CA GLN A 6 -24.98 15.81 -25.61
C GLN A 6 -24.89 14.44 -24.94
N GLU A 7 -24.10 14.36 -23.88
CA GLU A 7 -23.93 13.09 -23.16
C GLU A 7 -25.26 12.63 -22.57
N LYS A 8 -26.04 13.57 -22.06
CA LYS A 8 -27.33 13.25 -21.46
C LYS A 8 -27.16 12.24 -20.31
N GLU A 9 -27.72 11.05 -20.48
CA GLU A 9 -27.61 10.02 -19.45
C GLU A 9 -26.28 9.27 -19.55
N ARG A 10 -25.55 9.51 -20.63
CA ARG A 10 -24.25 8.83 -20.82
C ARG A 10 -23.27 9.23 -19.72
N GLU A 11 -23.32 10.50 -19.32
CA GLU A 11 -22.41 11.00 -18.28
C GLU A 11 -22.56 10.21 -16.99
N LEU A 12 -23.70 9.55 -16.82
CA LEU A 12 -23.95 8.77 -15.61
C LEU A 12 -22.97 7.60 -15.53
N GLU A 13 -22.56 7.10 -16.68
CA GLU A 13 -21.62 5.98 -16.74
C GLU A 13 -20.30 6.34 -16.08
N ASP A 14 -19.87 7.58 -16.27
CA ASP A 14 -18.61 8.03 -15.68
C ASP A 14 -18.64 7.91 -14.16
N LEU A 15 -19.78 8.24 -13.56
CA LEU A 15 -19.92 8.15 -12.11
C LEU A 15 -19.78 6.71 -11.66
N LYS A 16 -20.34 5.79 -12.44
CA LYS A 16 -20.27 4.37 -12.11
C LYS A 16 -18.81 3.91 -12.05
N ASP A 17 -18.02 4.35 -13.02
CA ASP A 17 -16.60 3.98 -13.06
C ASP A 17 -15.89 4.47 -11.81
N ALA A 18 -16.23 5.68 -11.38
CA ALA A 18 -15.61 6.26 -10.19
C ALA A 18 -15.89 5.39 -8.97
N GLU A 19 -17.12 4.88 -8.88
CA GLU A 19 -17.51 4.03 -7.75
C GLU A 19 -16.66 2.78 -7.72
N LEU A 20 -16.42 2.19 -8.89
CA LEU A 20 -15.61 0.99 -8.98
C LEU A 20 -14.20 1.25 -8.47
N LYS A 21 -13.63 2.38 -8.87
CA LYS A 21 -12.29 2.75 -8.45
C LYS A 21 -12.23 2.90 -6.93
N ARG A 22 -13.28 3.50 -6.36
CA ARG A 22 -13.34 3.70 -4.93
C ARG A 22 -13.28 2.36 -4.20
N LEU A 23 -14.05 1.40 -4.69
CA LEU A 23 -14.09 0.07 -4.09
C LEU A 23 -12.71 -0.59 -4.16
N ASN A 24 -12.05 -0.44 -5.31
CA ASN A 24 -10.73 -1.03 -5.50
C ASN A 24 -9.73 -0.45 -4.49
N GLU A 25 -9.85 0.85 -4.23
CA GLU A 25 -8.96 1.53 -3.28
C GLU A 25 -7.50 1.39 -3.71
N GLU A 26 -7.23 1.64 -5.00
CA GLU A 26 -5.87 1.54 -5.51
C GLU A 26 -4.95 2.55 -4.83
N ARG A 27 -5.48 3.74 -4.55
CA ARG A 27 -4.69 4.79 -3.92
C ARG A 27 -4.20 4.34 -2.54
N HIS A 28 -5.06 3.64 -1.81
CA HIS A 28 -4.70 3.17 -0.47
C HIS A 28 -3.52 2.20 -0.56
N ASP A 29 -3.54 1.34 -1.57
CA ASP A 29 -2.47 0.37 -1.76
C ASP A 29 -1.14 1.07 -1.98
N HIS A 30 -1.17 2.16 -2.74
CA HIS A 30 0.05 2.91 -3.02
C HIS A 30 0.67 3.43 -1.73
N ASP A 31 -0.15 3.99 -0.85
CA ASP A 31 0.33 4.51 0.42
C ASP A 31 0.94 3.40 1.26
N LYS A 32 0.31 2.23 1.23
CA LYS A 32 0.82 1.09 1.99
C LYS A 32 2.21 0.68 1.50
N ARG A 33 2.39 0.72 0.18
CA ARG A 33 3.67 0.35 -0.41
C ARG A 33 4.77 1.31 0.06
N GLU A 34 4.43 2.59 0.15
CA GLU A 34 5.40 3.59 0.59
C GLU A 34 5.81 3.33 2.03
N ALA A 35 4.86 2.93 2.86
CA ALA A 35 5.14 2.65 4.27
C ALA A 35 6.14 1.51 4.39
N GLU A 36 5.99 0.50 3.54
CA GLU A 36 6.90 -0.66 3.56
C GLU A 36 8.32 -0.22 3.22
N ARG A 37 8.45 0.69 2.26
CA ARG A 37 9.76 1.18 1.85
C ARG A 37 10.45 1.90 3.02
N LYS A 38 9.67 2.66 3.78
CA LYS A 38 10.22 3.39 4.92
C LYS A 38 10.82 2.42 5.94
N ALA A 39 10.09 1.34 6.21
CA ALA A 39 10.56 0.35 7.18
C ALA A 39 11.87 -0.28 6.71
N LEU A 40 11.97 -0.55 5.41
CA LEU A 40 13.17 -1.16 4.86
C LEU A 40 14.37 -0.21 5.02
N GLU A 41 14.12 1.08 4.82
CA GLU A 41 15.18 2.07 4.94
C GLU A 41 15.50 2.32 6.43
N ASP A 42 16.63 2.98 6.73
CA ASP A 42 17.00 3.24 8.12
C ASP A 42 17.00 1.95 8.92
N LYS A 43 17.48 0.86 8.31
CA LYS A 43 17.54 -0.42 9.00
C LYS A 43 18.45 -0.33 10.22
N LEU A 44 19.59 0.33 10.05
CA LEU A 44 20.54 0.48 11.14
C LEU A 44 19.85 1.02 12.39
N ALA A 45 18.62 1.47 12.23
CA ALA A 45 17.86 2.00 13.35
C ALA A 45 17.66 0.94 14.43
N ASP A 46 17.40 -0.29 14.00
CA ASP A 46 17.19 -1.39 14.93
C ASP A 46 18.42 -1.62 15.79
N LYS A 47 19.59 -1.50 15.18
CA LYS A 47 20.85 -1.69 15.91
C LYS A 47 20.89 -3.07 16.56
N GLN A 48 20.57 -4.10 15.79
CA GLN A 48 20.58 -5.46 16.32
C GLN A 48 21.98 -5.86 16.77
N GLU A 49 22.99 -5.46 16.00
CA GLU A 49 24.36 -5.77 16.34
C GLU A 49 24.83 -4.94 17.53
N HIS A 50 25.60 -5.56 18.42
CA HIS A 50 26.10 -4.87 19.60
C HIS A 50 27.15 -3.83 19.20
N LEU A 51 27.69 -3.98 18.00
CA LEU A 51 28.70 -3.05 17.51
C LEU A 51 28.13 -1.64 17.42
N ASP A 52 26.92 -1.54 16.87
CA ASP A 52 26.27 -0.24 16.72
C ASP A 52 27.18 0.74 15.98
N GLY A 53 27.94 0.23 15.01
CA GLY A 53 28.84 1.06 14.24
C GLY A 53 28.09 1.80 13.13
N ALA A 54 28.80 2.65 12.38
CA ALA A 54 28.18 3.39 11.29
C ALA A 54 27.64 2.44 10.23
N LEU A 55 28.39 1.38 9.94
CA LEU A 55 27.98 0.40 8.94
C LEU A 55 27.72 1.09 7.60
N ARG A 56 26.54 1.70 7.47
CA ARG A 56 26.18 2.38 6.23
C ARG A 56 26.97 3.68 6.10
N TYR A 57 27.32 4.03 4.86
CA TYR A 57 28.08 5.25 4.61
C TYR A 57 28.00 5.63 3.13
N GLY A 1 -40.45 -9.57 9.66
CA GLY A 1 -41.38 -10.65 10.13
C GLY A 1 -40.97 -11.98 9.51
N SER A 2 -41.85 -12.97 9.62
CA SER A 2 -41.56 -14.30 9.07
C SER A 2 -41.42 -14.22 7.55
N ALA A 3 -42.03 -13.20 6.96
CA ALA A 3 -41.97 -13.03 5.51
C ALA A 3 -40.52 -12.85 5.05
N GLY A 4 -39.76 -12.09 5.83
CA GLY A 4 -38.36 -11.84 5.49
C GLY A 4 -38.24 -10.73 4.46
N LEU A 5 -39.36 -10.13 4.09
CA LEU A 5 -39.36 -9.04 3.12
C LEU A 5 -38.60 -7.84 3.66
N GLN A 6 -38.77 -7.56 4.95
CA GLN A 6 -38.09 -6.44 5.59
C GLN A 6 -36.58 -6.65 5.57
N GLU A 7 -36.16 -7.89 5.79
CA GLU A 7 -34.73 -8.20 5.80
C GLU A 7 -34.11 -7.95 4.43
N LYS A 8 -34.86 -8.25 3.38
CA LYS A 8 -34.37 -8.06 2.02
C LYS A 8 -33.05 -8.79 1.81
N GLU A 9 -32.92 -9.97 2.42
CA GLU A 9 -31.70 -10.76 2.28
C GLU A 9 -30.47 -9.88 2.49
N ARG A 10 -30.62 -8.83 3.29
CA ARG A 10 -29.52 -7.92 3.57
C ARG A 10 -28.90 -7.40 2.28
N GLU A 11 -29.72 -7.18 1.27
CA GLU A 11 -29.23 -6.66 -0.01
C GLU A 11 -28.65 -5.27 0.15
N LEU A 12 -29.31 -4.46 0.98
CA LEU A 12 -28.85 -3.09 1.22
C LEU A 12 -27.47 -3.10 1.85
N GLU A 13 -27.24 -4.02 2.79
CA GLU A 13 -25.96 -4.12 3.46
C GLU A 13 -24.85 -4.43 2.45
N ASP A 14 -25.15 -5.34 1.53
CA ASP A 14 -24.17 -5.74 0.52
C ASP A 14 -23.79 -4.54 -0.34
N LEU A 15 -24.78 -3.75 -0.74
CA LEU A 15 -24.55 -2.58 -1.56
C LEU A 15 -23.67 -1.57 -0.82
N LYS A 16 -23.93 -1.42 0.48
CA LYS A 16 -23.16 -0.48 1.29
C LYS A 16 -21.68 -0.86 1.30
N ASP A 17 -21.42 -2.16 1.47
CA ASP A 17 -20.05 -2.65 1.48
C ASP A 17 -19.35 -2.36 0.15
N ALA A 18 -20.09 -2.53 -0.94
CA ALA A 18 -19.54 -2.29 -2.26
C ALA A 18 -19.10 -0.83 -2.41
N GLU A 19 -19.92 0.07 -1.86
CA GLU A 19 -19.61 1.49 -1.94
C GLU A 19 -18.31 1.81 -1.22
N LEU A 20 -18.10 1.15 -0.08
CA LEU A 20 -16.89 1.37 0.71
C LEU A 20 -15.65 0.99 -0.10
N LYS A 21 -15.74 -0.16 -0.78
CA LYS A 21 -14.62 -0.64 -1.58
C LYS A 21 -14.29 0.37 -2.69
N ARG A 22 -15.33 0.88 -3.34
CA ARG A 22 -15.15 1.86 -4.41
C ARG A 22 -14.45 3.11 -3.87
N LEU A 23 -14.89 3.58 -2.71
CA LEU A 23 -14.31 4.77 -2.09
C LEU A 23 -12.85 4.53 -1.75
N ASN A 24 -12.53 3.32 -1.29
CA ASN A 24 -11.16 2.98 -0.92
C ASN A 24 -10.24 3.11 -2.12
N GLU A 25 -10.72 2.70 -3.28
CA GLU A 25 -9.93 2.76 -4.50
C GLU A 25 -8.60 2.01 -4.32
N GLU A 26 -7.64 2.28 -5.22
CA GLU A 26 -6.33 1.61 -5.14
C GLU A 26 -5.28 2.55 -4.56
N ARG A 27 -5.70 3.78 -4.24
CA ARG A 27 -4.77 4.76 -3.68
C ARG A 27 -4.24 4.28 -2.33
N HIS A 28 -5.04 3.52 -1.61
CA HIS A 28 -4.64 3.01 -0.31
C HIS A 28 -3.45 2.06 -0.45
N ASP A 29 -3.48 1.24 -1.50
CA ASP A 29 -2.40 0.29 -1.74
C ASP A 29 -1.09 1.02 -1.96
N HIS A 30 -1.14 2.11 -2.73
CA HIS A 30 0.05 2.90 -3.01
C HIS A 30 0.66 3.43 -1.72
N ASP A 31 -0.18 3.98 -0.85
CA ASP A 31 0.29 4.51 0.42
C ASP A 31 0.96 3.44 1.26
N LYS A 32 0.37 2.24 1.24
CA LYS A 32 0.92 1.12 2.00
C LYS A 32 2.31 0.75 1.48
N ARG A 33 2.47 0.80 0.16
CA ARG A 33 3.76 0.48 -0.45
C ARG A 33 4.85 1.43 0.04
N GLU A 34 4.52 2.71 0.11
CA GLU A 34 5.47 3.72 0.56
C GLU A 34 5.89 3.43 2.00
N ALA A 35 4.92 3.07 2.83
CA ALA A 35 5.19 2.77 4.24
C ALA A 35 6.15 1.58 4.35
N GLU A 36 5.95 0.58 3.49
CA GLU A 36 6.79 -0.60 3.51
C GLU A 36 8.24 -0.22 3.20
N ARG A 37 8.41 0.67 2.22
CA ARG A 37 9.74 1.12 1.83
C ARG A 37 10.43 1.83 3.00
N LYS A 38 9.65 2.63 3.73
CA LYS A 38 10.19 3.35 4.88
C LYS A 38 10.75 2.38 5.91
N ALA A 39 9.99 1.32 6.18
CA ALA A 39 10.41 0.31 7.15
C ALA A 39 11.70 -0.35 6.71
N LEU A 40 11.84 -0.60 5.42
CA LEU A 40 13.04 -1.24 4.89
C LEU A 40 14.27 -0.37 5.18
N GLU A 41 14.14 0.93 4.92
CA GLU A 41 15.25 1.85 5.17
C GLU A 41 15.58 1.90 6.65
N ASP A 42 14.55 1.90 7.49
CA ASP A 42 14.73 1.95 8.94
C ASP A 42 15.48 0.72 9.44
N LYS A 43 15.43 -0.36 8.68
CA LYS A 43 16.09 -1.60 9.07
C LYS A 43 17.58 -1.37 9.34
N LEU A 44 18.04 -1.83 10.50
CA LEU A 44 19.44 -1.69 10.88
C LEU A 44 19.89 -0.24 10.80
N ALA A 45 18.94 0.66 10.54
CA ALA A 45 19.26 2.08 10.43
C ALA A 45 19.84 2.59 11.75
N ASP A 46 19.26 2.14 12.85
CA ASP A 46 19.72 2.57 14.18
C ASP A 46 20.85 1.67 14.67
N LYS A 47 22.08 2.21 14.63
CA LYS A 47 23.24 1.44 15.08
C LYS A 47 23.09 1.06 16.55
N GLN A 48 22.65 2.03 17.35
CA GLN A 48 22.47 1.78 18.79
C GLN A 48 21.42 2.74 19.36
N GLU A 49 20.84 2.36 20.49
CA GLU A 49 19.83 3.18 21.13
C GLU A 49 20.46 4.42 21.75
N HIS A 50 19.74 5.54 21.72
CA HIS A 50 20.23 6.78 22.28
C HIS A 50 20.32 6.69 23.80
N LEU A 51 19.65 5.69 24.37
CA LEU A 51 19.65 5.49 25.81
C LEU A 51 21.07 5.24 26.31
N ASP A 52 21.79 4.38 25.59
CA ASP A 52 23.16 4.05 25.97
C ASP A 52 23.21 3.56 27.41
N GLY A 53 22.20 2.81 27.83
CA GLY A 53 22.14 2.29 29.19
C GLY A 53 23.02 1.04 29.34
N ALA A 54 23.10 0.50 30.54
CA ALA A 54 23.90 -0.69 30.79
C ALA A 54 23.35 -1.88 30.00
N LEU A 55 24.26 -2.72 29.49
CA LEU A 55 23.87 -3.89 28.72
C LEU A 55 23.52 -5.05 29.66
N ARG A 56 23.37 -6.25 29.10
CA ARG A 56 23.03 -7.42 29.90
C ARG A 56 24.12 -7.68 30.94
N TYR A 57 25.38 -7.59 30.51
CA TYR A 57 26.51 -7.81 31.42
C TYR A 57 27.73 -6.99 30.96
N GLY A 1 0.50 0.39 -43.22
CA GLY A 1 -0.49 0.61 -44.31
C GLY A 1 -1.65 -0.39 -44.15
N SER A 2 -1.35 -1.54 -43.58
CA SER A 2 -2.37 -2.56 -43.37
C SER A 2 -3.27 -2.17 -42.22
N ALA A 3 -4.46 -2.76 -42.19
CA ALA A 3 -5.41 -2.46 -41.13
C ALA A 3 -4.81 -2.81 -39.77
N GLY A 4 -4.05 -3.91 -39.74
CA GLY A 4 -3.41 -4.35 -38.51
C GLY A 4 -4.39 -5.14 -37.64
N LEU A 5 -5.59 -5.35 -38.15
CA LEU A 5 -6.61 -6.08 -37.40
C LEU A 5 -6.16 -7.53 -37.17
N GLN A 6 -5.55 -8.13 -38.19
CA GLN A 6 -5.09 -9.50 -38.09
C GLN A 6 -3.91 -9.62 -37.14
N GLU A 7 -3.16 -8.54 -37.00
CA GLU A 7 -1.99 -8.54 -36.10
C GLU A 7 -2.44 -8.74 -34.65
N LYS A 8 -3.54 -8.09 -34.28
CA LYS A 8 -4.07 -8.20 -32.93
C LYS A 8 -3.03 -7.81 -31.89
N GLU A 9 -1.95 -7.17 -32.34
CA GLU A 9 -0.89 -6.73 -31.44
C GLU A 9 -1.41 -5.66 -30.48
N ARG A 10 -2.25 -4.76 -30.99
CA ARG A 10 -2.81 -3.70 -30.17
C ARG A 10 -3.67 -4.27 -29.04
N GLU A 11 -4.42 -5.31 -29.35
CA GLU A 11 -5.28 -5.95 -28.36
C GLU A 11 -4.43 -6.51 -27.22
N LEU A 12 -3.32 -7.14 -27.57
CA LEU A 12 -2.44 -7.72 -26.57
C LEU A 12 -1.89 -6.62 -25.66
N GLU A 13 -1.47 -5.51 -26.26
CA GLU A 13 -0.92 -4.39 -25.50
C GLU A 13 -1.98 -3.83 -24.55
N ASP A 14 -3.21 -3.74 -25.04
CA ASP A 14 -4.30 -3.20 -24.25
C ASP A 14 -4.53 -4.04 -23.00
N LEU A 15 -4.44 -5.36 -23.15
CA LEU A 15 -4.65 -6.26 -22.03
C LEU A 15 -3.59 -6.03 -20.95
N LYS A 16 -2.35 -5.79 -21.38
CA LYS A 16 -1.26 -5.54 -20.44
C LYS A 16 -1.54 -4.28 -19.62
N ASP A 17 -2.08 -3.26 -20.29
CA ASP A 17 -2.39 -2.00 -19.61
C ASP A 17 -3.40 -2.23 -18.50
N ALA A 18 -4.42 -3.02 -18.79
CA ALA A 18 -5.46 -3.31 -17.81
C ALA A 18 -4.86 -4.01 -16.59
N GLU A 19 -3.92 -4.92 -16.83
CA GLU A 19 -3.29 -5.66 -15.75
C GLU A 19 -2.53 -4.71 -14.83
N LEU A 20 -1.86 -3.73 -15.42
CA LEU A 20 -1.10 -2.76 -14.64
C LEU A 20 -2.02 -1.96 -13.72
N LYS A 21 -3.20 -1.61 -14.23
CA LYS A 21 -4.17 -0.86 -13.44
C LYS A 21 -4.61 -1.66 -12.22
N ARG A 22 -4.78 -2.97 -12.41
CA ARG A 22 -5.20 -3.83 -11.32
C ARG A 22 -4.16 -3.81 -10.20
N LEU A 23 -2.90 -3.88 -10.57
CA LEU A 23 -1.81 -3.88 -9.59
C LEU A 23 -1.81 -2.57 -8.80
N ASN A 24 -2.07 -1.47 -9.49
CA ASN A 24 -2.09 -0.15 -8.84
C ASN A 24 -3.16 -0.10 -7.77
N GLU A 25 -4.32 -0.71 -8.05
CA GLU A 25 -5.43 -0.72 -7.10
C GLU A 25 -5.81 0.71 -6.72
N GLU A 26 -6.33 0.89 -5.50
CA GLU A 26 -6.73 2.21 -5.04
C GLU A 26 -5.52 2.97 -4.49
N ARG A 27 -5.71 4.24 -4.09
CA ARG A 27 -4.61 5.03 -3.57
C ARG A 27 -4.10 4.44 -2.25
N HIS A 28 -4.94 3.67 -1.59
CA HIS A 28 -4.57 3.05 -0.32
C HIS A 28 -3.40 2.09 -0.52
N ASP A 29 -3.42 1.34 -1.62
CA ASP A 29 -2.36 0.40 -1.92
C ASP A 29 -1.03 1.11 -2.06
N HIS A 30 -1.04 2.25 -2.76
CA HIS A 30 0.17 3.02 -2.97
C HIS A 30 0.76 3.47 -1.64
N ASP A 31 -0.09 3.99 -0.75
CA ASP A 31 0.35 4.45 0.55
C ASP A 31 0.95 3.29 1.35
N LYS A 32 0.31 2.13 1.25
CA LYS A 32 0.79 0.96 1.97
C LYS A 32 2.21 0.59 1.51
N ARG A 33 2.42 0.62 0.20
CA ARG A 33 3.74 0.30 -0.35
C ARG A 33 4.78 1.32 0.12
N GLU A 34 4.37 2.58 0.16
CA GLU A 34 5.28 3.65 0.58
C GLU A 34 5.74 3.41 2.01
N ALA A 35 4.81 3.03 2.88
CA ALA A 35 5.13 2.77 4.28
C ALA A 35 6.13 1.62 4.40
N GLU A 36 5.94 0.59 3.58
CA GLU A 36 6.82 -0.57 3.60
C GLU A 36 8.25 -0.17 3.21
N ARG A 37 8.36 0.71 2.23
CA ARG A 37 9.69 1.14 1.77
C ARG A 37 10.45 1.84 2.90
N LYS A 38 9.75 2.70 3.64
CA LYS A 38 10.36 3.42 4.74
C LYS A 38 10.84 2.44 5.81
N ALA A 39 10.04 1.41 6.07
CA ALA A 39 10.39 0.42 7.08
C ALA A 39 11.69 -0.29 6.70
N LEU A 40 11.85 -0.59 5.42
CA LEU A 40 13.04 -1.27 4.93
C LEU A 40 14.28 -0.39 5.17
N GLU A 41 14.13 0.91 4.95
CA GLU A 41 15.24 1.84 5.14
C GLU A 41 15.68 1.84 6.60
N ASP A 42 14.72 1.79 7.51
CA ASP A 42 15.02 1.80 8.93
C ASP A 42 15.50 0.42 9.39
N LYS A 43 15.56 0.19 10.70
CA LYS A 43 16.01 -1.08 11.23
C LYS A 43 17.38 -1.45 10.67
N LEU A 44 18.26 -0.45 10.55
CA LEU A 44 19.60 -0.65 10.02
C LEU A 44 20.60 0.24 10.76
N ALA A 45 20.22 1.50 10.95
CA ALA A 45 21.09 2.44 11.64
C ALA A 45 21.35 1.99 13.07
N ASP A 46 20.32 1.46 13.72
CA ASP A 46 20.46 0.98 15.10
C ASP A 46 20.96 -0.46 15.12
N LYS A 47 22.22 -0.63 15.50
CA LYS A 47 22.81 -1.96 15.57
C LYS A 47 22.29 -2.73 16.77
N GLN A 48 22.09 -4.03 16.60
CA GLN A 48 21.58 -4.87 17.68
C GLN A 48 22.73 -5.33 18.58
N GLU A 49 22.40 -5.79 19.79
CA GLU A 49 23.40 -6.24 20.74
C GLU A 49 24.44 -5.16 21.00
N HIS A 50 23.97 -4.00 21.46
CA HIS A 50 24.87 -2.89 21.74
C HIS A 50 25.87 -3.27 22.83
N LEU A 51 25.38 -3.99 23.84
CA LEU A 51 26.23 -4.42 24.94
C LEU A 51 27.03 -5.67 24.53
N ASP A 52 27.69 -6.31 25.50
CA ASP A 52 28.47 -7.50 25.21
C ASP A 52 27.58 -8.61 24.67
N GLY A 53 26.38 -8.74 25.25
CA GLY A 53 25.44 -9.76 24.82
C GLY A 53 25.77 -11.11 25.46
N ALA A 54 26.79 -11.12 26.31
CA ALA A 54 27.20 -12.35 26.98
C ALA A 54 26.07 -12.89 27.85
N LEU A 55 25.37 -11.98 28.53
CA LEU A 55 24.27 -12.38 29.39
C LEU A 55 23.18 -13.09 28.59
N ARG A 56 22.85 -12.53 27.42
CA ARG A 56 21.83 -13.12 26.57
C ARG A 56 22.29 -14.47 26.04
N TYR A 57 21.43 -15.48 26.16
CA TYR A 57 21.75 -16.82 25.70
C TYR A 57 23.09 -17.28 26.29
N GLY A 1 -15.62 3.93 -22.63
CA GLY A 1 -16.04 4.61 -23.88
C GLY A 1 -15.42 3.92 -25.08
N SER A 2 -14.64 2.86 -24.81
CA SER A 2 -13.98 2.12 -25.87
C SER A 2 -15.03 1.49 -26.81
N ALA A 3 -16.09 0.97 -26.23
CA ALA A 3 -17.16 0.35 -27.01
C ALA A 3 -17.77 1.37 -27.97
N GLY A 4 -17.98 2.59 -27.48
CA GLY A 4 -18.57 3.64 -28.30
C GLY A 4 -20.08 3.53 -28.34
N LEU A 5 -20.62 2.50 -27.67
CA LEU A 5 -22.07 2.29 -27.65
C LEU A 5 -22.50 1.82 -26.25
N GLN A 6 -23.44 2.55 -25.66
CA GLN A 6 -23.95 2.21 -24.34
C GLN A 6 -24.64 0.86 -24.34
N GLU A 7 -25.39 0.59 -25.40
CA GLU A 7 -26.11 -0.67 -25.51
C GLU A 7 -25.15 -1.87 -25.55
N LYS A 8 -24.03 -1.71 -26.25
CA LYS A 8 -23.05 -2.79 -26.35
C LYS A 8 -22.52 -3.15 -24.96
N GLU A 9 -22.22 -2.12 -24.16
CA GLU A 9 -21.71 -2.34 -22.81
C GLU A 9 -22.85 -2.72 -21.87
N ARG A 10 -22.55 -2.82 -20.56
CA ARG A 10 -23.57 -3.18 -19.57
C ARG A 10 -23.55 -2.21 -18.40
N GLU A 11 -24.70 -1.99 -17.79
CA GLU A 11 -24.80 -1.10 -16.63
C GLU A 11 -23.97 -1.62 -15.47
N LEU A 12 -24.01 -2.93 -15.27
CA LEU A 12 -23.27 -3.55 -14.17
C LEU A 12 -21.77 -3.33 -14.37
N GLU A 13 -21.31 -3.43 -15.61
CA GLU A 13 -19.90 -3.24 -15.91
C GLU A 13 -19.46 -1.82 -15.55
N ASP A 14 -20.31 -0.85 -15.88
CA ASP A 14 -20.01 0.55 -15.57
C ASP A 14 -19.86 0.75 -14.07
N LEU A 15 -20.73 0.08 -13.30
CA LEU A 15 -20.70 0.21 -11.85
C LEU A 15 -19.36 -0.29 -11.32
N LYS A 16 -18.90 -1.42 -11.83
CA LYS A 16 -17.63 -1.99 -11.39
C LYS A 16 -16.50 -1.02 -11.69
N ASP A 17 -16.51 -0.44 -12.88
CA ASP A 17 -15.48 0.51 -13.27
C ASP A 17 -15.47 1.72 -12.35
N ALA A 18 -16.67 2.17 -11.97
CA ALA A 18 -16.78 3.32 -11.08
C ALA A 18 -16.13 3.04 -9.74
N GLU A 19 -16.30 1.81 -9.25
CA GLU A 19 -15.73 1.43 -7.96
C GLU A 19 -14.20 1.49 -8.02
N LEU A 20 -13.64 1.05 -9.15
CA LEU A 20 -12.20 1.07 -9.31
C LEU A 20 -11.66 2.50 -9.27
N LYS A 21 -12.39 3.42 -9.88
CA LYS A 21 -11.99 4.81 -9.91
C LYS A 21 -11.90 5.37 -8.48
N ARG A 22 -12.90 5.05 -7.67
CA ARG A 22 -12.92 5.52 -6.28
C ARG A 22 -11.70 5.00 -5.53
N LEU A 23 -11.39 3.72 -5.72
CA LEU A 23 -10.24 3.12 -5.05
C LEU A 23 -8.94 3.79 -5.49
N ASN A 24 -8.86 4.11 -6.78
CA ASN A 24 -7.67 4.76 -7.32
C ASN A 24 -7.46 6.12 -6.65
N GLU A 25 -8.54 6.85 -6.44
CA GLU A 25 -8.45 8.17 -5.81
C GLU A 25 -7.90 8.04 -4.40
N GLU A 26 -8.35 7.03 -3.67
CA GLU A 26 -7.90 6.80 -2.31
C GLU A 26 -6.40 6.53 -2.27
N ARG A 27 -5.92 5.77 -3.26
CA ARG A 27 -4.50 5.43 -3.33
C ARG A 27 -4.04 4.76 -2.03
N HIS A 28 -4.96 4.05 -1.39
CA HIS A 28 -4.65 3.36 -0.14
C HIS A 28 -3.55 2.32 -0.37
N ASP A 29 -3.70 1.53 -1.42
CA ASP A 29 -2.71 0.49 -1.72
C ASP A 29 -1.34 1.09 -1.98
N HIS A 30 -1.31 2.22 -2.67
CA HIS A 30 -0.05 2.89 -2.97
C HIS A 30 0.64 3.35 -1.69
N ASP A 31 -0.16 3.85 -0.75
CA ASP A 31 0.37 4.32 0.52
C ASP A 31 1.05 3.18 1.27
N LYS A 32 0.45 2.00 1.22
CA LYS A 32 1.00 0.84 1.90
C LYS A 32 2.39 0.52 1.35
N ARG A 33 2.53 0.57 0.03
CA ARG A 33 3.81 0.28 -0.61
C ARG A 33 4.87 1.28 -0.15
N GLU A 34 4.50 2.55 -0.10
CA GLU A 34 5.42 3.59 0.33
C GLU A 34 5.85 3.35 1.78
N ALA A 35 4.88 2.98 2.61
CA ALA A 35 5.15 2.71 4.01
C ALA A 35 6.16 1.58 4.17
N GLU A 36 6.03 0.56 3.33
CA GLU A 36 6.92 -0.59 3.37
C GLU A 36 8.36 -0.16 3.15
N ARG A 37 8.56 0.75 2.20
CA ARG A 37 9.91 1.23 1.91
C ARG A 37 10.52 1.92 3.11
N LYS A 38 9.70 2.69 3.84
CA LYS A 38 10.17 3.39 5.02
C LYS A 38 10.65 2.40 6.08
N ALA A 39 9.92 1.29 6.21
CA ALA A 39 10.26 0.27 7.18
C ALA A 39 11.64 -0.31 6.88
N LEU A 40 11.93 -0.50 5.59
CA LEU A 40 13.21 -1.03 5.17
C LEU A 40 14.35 -0.13 5.62
N GLU A 41 14.16 1.18 5.49
CA GLU A 41 15.18 2.14 5.88
C GLU A 41 15.48 2.03 7.38
N ASP A 42 14.44 1.84 8.17
CA ASP A 42 14.62 1.71 9.62
C ASP A 42 15.58 2.79 10.14
N LYS A 43 16.28 2.50 11.23
CA LYS A 43 17.22 3.46 11.80
C LYS A 43 16.50 4.76 12.21
N LEU A 44 15.39 4.60 12.91
CA LEU A 44 14.61 5.75 13.37
C LEU A 44 14.12 6.58 12.19
N ALA A 45 14.40 6.12 10.98
CA ALA A 45 13.96 6.82 9.78
C ALA A 45 12.45 6.94 9.75
N ASP A 46 11.78 5.87 10.16
CA ASP A 46 10.32 5.85 10.18
C ASP A 46 9.75 6.93 11.09
N LYS A 47 10.40 7.15 12.23
CA LYS A 47 9.94 8.17 13.18
C LYS A 47 8.50 7.87 13.59
N GLN A 48 8.18 6.59 13.72
CA GLN A 48 6.83 6.18 14.10
C GLN A 48 6.76 5.91 15.60
N GLU A 49 7.87 6.12 16.29
CA GLU A 49 7.95 5.88 17.72
C GLU A 49 6.98 6.78 18.50
N HIS A 50 6.86 8.04 18.08
CA HIS A 50 5.98 8.97 18.76
C HIS A 50 4.51 8.55 18.65
N LEU A 51 4.20 7.75 17.62
CA LEU A 51 2.82 7.29 17.43
C LEU A 51 1.83 8.42 17.66
N ASP A 52 2.31 9.66 17.61
CA ASP A 52 1.44 10.82 17.83
C ASP A 52 0.35 10.88 16.76
N GLY A 53 0.71 10.58 15.51
CA GLY A 53 -0.24 10.61 14.42
C GLY A 53 0.47 10.53 13.07
N ALA A 54 -0.30 10.68 11.99
CA ALA A 54 0.28 10.63 10.64
C ALA A 54 1.00 9.30 10.42
N LEU A 55 0.40 8.22 10.91
CA LEU A 55 0.99 6.89 10.77
C LEU A 55 1.08 6.52 9.29
N ARG A 56 0.04 6.88 8.53
CA ARG A 56 -0.01 6.58 7.10
C ARG A 56 0.37 7.81 6.28
N TYR A 57 1.36 7.67 5.41
CA TYR A 57 1.80 8.78 4.58
C TYR A 57 2.83 8.32 3.56
#